data_4L1H
# 
_entry.id   4L1H 
# 
_audit_conform.dict_name       mmcif_pdbx.dic 
_audit_conform.dict_version    5.397 
_audit_conform.dict_location   http://mmcif.pdb.org/dictionaries/ascii/mmcif_pdbx.dic 
# 
loop_
_database_2.database_id 
_database_2.database_code 
_database_2.pdbx_database_accession 
_database_2.pdbx_DOI 
PDB   4L1H         pdb_00004l1h 10.2210/pdb4l1h/pdb 
RCSB  RCSB080061   ?            ?                   
WWPDB D_1000080061 ?            ?                   
# 
loop_
_pdbx_audit_revision_history.ordinal 
_pdbx_audit_revision_history.data_content_type 
_pdbx_audit_revision_history.major_revision 
_pdbx_audit_revision_history.minor_revision 
_pdbx_audit_revision_history.revision_date 
1 'Structure model' 1 0 2014-06-04 
2 'Structure model' 1 1 2017-09-27 
3 'Structure model' 1 2 2024-10-30 
# 
_pdbx_audit_revision_details.ordinal             1 
_pdbx_audit_revision_details.revision_ordinal    1 
_pdbx_audit_revision_details.data_content_type   'Structure model' 
_pdbx_audit_revision_details.provider            repository 
_pdbx_audit_revision_details.type                'Initial release' 
_pdbx_audit_revision_details.description         ? 
_pdbx_audit_revision_details.details             ? 
# 
loop_
_pdbx_audit_revision_group.ordinal 
_pdbx_audit_revision_group.revision_ordinal 
_pdbx_audit_revision_group.data_content_type 
_pdbx_audit_revision_group.group 
1 2 'Structure model' 'Data collection'     
2 3 'Structure model' 'Data collection'     
3 3 'Structure model' 'Database references' 
4 3 'Structure model' 'Structure summary'   
# 
loop_
_pdbx_audit_revision_category.ordinal 
_pdbx_audit_revision_category.revision_ordinal 
_pdbx_audit_revision_category.data_content_type 
_pdbx_audit_revision_category.category 
1 2 'Structure model' diffrn_detector           
2 3 'Structure model' chem_comp_atom            
3 3 'Structure model' chem_comp_bond            
4 3 'Structure model' database_2                
5 3 'Structure model' diffrn_source             
6 3 'Structure model' pdbx_entry_details        
7 3 'Structure model' pdbx_modification_feature 
8 3 'Structure model' struct_ref_seq_dif        
# 
loop_
_pdbx_audit_revision_item.ordinal 
_pdbx_audit_revision_item.revision_ordinal 
_pdbx_audit_revision_item.data_content_type 
_pdbx_audit_revision_item.item 
1 2 'Structure model' '_diffrn_detector.detector'            
2 3 'Structure model' '_database_2.pdbx_DOI'                 
3 3 'Structure model' '_database_2.pdbx_database_accession'  
4 3 'Structure model' '_diffrn_source.pdbx_synchrotron_site' 
5 3 'Structure model' '_struct_ref_seq_dif.details'          
# 
_pdbx_database_status.status_code                     REL 
_pdbx_database_status.entry_id                        4L1H 
_pdbx_database_status.recvd_initial_deposition_date   2013-06-03 
_pdbx_database_status.deposit_site                    RCSB 
_pdbx_database_status.process_site                    RCSB 
_pdbx_database_status.status_code_sf                  REL 
_pdbx_database_status.status_code_mr                  ? 
_pdbx_database_status.SG_entry                        ? 
_pdbx_database_status.status_code_cs                  ? 
_pdbx_database_status.methods_development_category    ? 
_pdbx_database_status.pdb_format_compatible           Y 
_pdbx_database_status.status_code_nmr_data            ? 
# 
_pdbx_database_related.db_name        PDB 
_pdbx_database_related.db_id          1BWW 
_pdbx_database_related.details        '1.7 A structure of the stabilized REIv mutant T39K' 
_pdbx_database_related.content_type   unspecified 
# 
_audit_author.name           'Uson, I.' 
_audit_author.pdbx_ordinal   1 
# 
_citation.id                        primary 
_citation.title                     'Bence-Jones immunoglobulin REI variable portion with seven point mutations' 
_citation.journal_abbrev            'To be Published' 
_citation.journal_volume            ? 
_citation.page_first                ? 
_citation.page_last                 ? 
_citation.year                      ? 
_citation.journal_id_ASTM           ? 
_citation.country                   ? 
_citation.journal_id_ISSN           ? 
_citation.journal_id_CSD            0353 
_citation.book_publisher            ? 
_citation.pdbx_database_id_PubMed   ? 
_citation.pdbx_database_id_DOI      ? 
# 
_citation_author.citation_id        primary 
_citation_author.name               'Uson, I.' 
_citation_author.ordinal            1 
_citation_author.identifier_ORCID   ? 
# 
_entity.id                         1 
_entity.type                       polymer 
_entity.src_method                 man 
_entity.pdbx_description           'Ig kappa chain V-I region Rei' 
_entity.formula_weight             11751.089 
_entity.pdbx_number_of_molecules   1 
_entity.pdbx_ec                    ? 
_entity.pdbx_mutation              Q24R,N34A,T39K,Y71F,F73L,I83F,Q105E 
_entity.pdbx_fragment              ? 
_entity.details                    ? 
# 
_entity_poly.entity_id                      1 
_entity_poly.type                           'polypeptide(L)' 
_entity_poly.nstd_linkage                   no 
_entity_poly.nstd_monomer                   no 
_entity_poly.pdbx_seq_one_letter_code       
;DIQMTQSPSSLSASVGDRVTITCRASQDIIKYLAWYQQKPGKAPKLLIYEASNLQAGVPSRFSGSGSGTDFTLTISSLQP
EDFATYYCQQYQSLPYTFGQGTKLEIT
;
_entity_poly.pdbx_seq_one_letter_code_can   
;DIQMTQSPSSLSASVGDRVTITCRASQDIIKYLAWYQQKPGKAPKLLIYEASNLQAGVPSRFSGSGSGTDFTLTISSLQP
EDFATYYCQQYQSLPYTFGQGTKLEIT
;
_entity_poly.pdbx_strand_id                 A 
_entity_poly.pdbx_target_identifier         ? 
# 
loop_
_entity_poly_seq.entity_id 
_entity_poly_seq.num 
_entity_poly_seq.mon_id 
_entity_poly_seq.hetero 
1 1   ASP n 
1 2   ILE n 
1 3   GLN n 
1 4   MET n 
1 5   THR n 
1 6   GLN n 
1 7   SER n 
1 8   PRO n 
1 9   SER n 
1 10  SER n 
1 11  LEU n 
1 12  SER n 
1 13  ALA n 
1 14  SER n 
1 15  VAL n 
1 16  GLY n 
1 17  ASP n 
1 18  ARG n 
1 19  VAL n 
1 20  THR n 
1 21  ILE n 
1 22  THR n 
1 23  CYS n 
1 24  ARG n 
1 25  ALA n 
1 26  SER n 
1 27  GLN n 
1 28  ASP n 
1 29  ILE n 
1 30  ILE n 
1 31  LYS n 
1 32  TYR n 
1 33  LEU n 
1 34  ALA n 
1 35  TRP n 
1 36  TYR n 
1 37  GLN n 
1 38  GLN n 
1 39  LYS n 
1 40  PRO n 
1 41  GLY n 
1 42  LYS n 
1 43  ALA n 
1 44  PRO n 
1 45  LYS n 
1 46  LEU n 
1 47  LEU n 
1 48  ILE n 
1 49  TYR n 
1 50  GLU n 
1 51  ALA n 
1 52  SER n 
1 53  ASN n 
1 54  LEU n 
1 55  GLN n 
1 56  ALA n 
1 57  GLY n 
1 58  VAL n 
1 59  PRO n 
1 60  SER n 
1 61  ARG n 
1 62  PHE n 
1 63  SER n 
1 64  GLY n 
1 65  SER n 
1 66  GLY n 
1 67  SER n 
1 68  GLY n 
1 69  THR n 
1 70  ASP n 
1 71  PHE n 
1 72  THR n 
1 73  LEU n 
1 74  THR n 
1 75  ILE n 
1 76  SER n 
1 77  SER n 
1 78  LEU n 
1 79  GLN n 
1 80  PRO n 
1 81  GLU n 
1 82  ASP n 
1 83  PHE n 
1 84  ALA n 
1 85  THR n 
1 86  TYR n 
1 87  TYR n 
1 88  CYS n 
1 89  GLN n 
1 90  GLN n 
1 91  TYR n 
1 92  GLN n 
1 93  SER n 
1 94  LEU n 
1 95  PRO n 
1 96  TYR n 
1 97  THR n 
1 98  PHE n 
1 99  GLY n 
1 100 GLN n 
1 101 GLY n 
1 102 THR n 
1 103 LYS n 
1 104 LEU n 
1 105 GLU n 
1 106 ILE n 
1 107 THR n 
# 
_entity_src_gen.entity_id                          1 
_entity_src_gen.pdbx_src_id                        1 
_entity_src_gen.pdbx_alt_source_flag               sample 
_entity_src_gen.pdbx_seq_type                      ? 
_entity_src_gen.pdbx_beg_seq_num                   ? 
_entity_src_gen.pdbx_end_seq_num                   ? 
_entity_src_gen.gene_src_common_name               human 
_entity_src_gen.gene_src_genus                     ? 
_entity_src_gen.pdbx_gene_src_gene                 ? 
_entity_src_gen.gene_src_species                   ? 
_entity_src_gen.gene_src_strain                    ? 
_entity_src_gen.gene_src_tissue                    ? 
_entity_src_gen.gene_src_tissue_fraction           ? 
_entity_src_gen.gene_src_details                   ? 
_entity_src_gen.pdbx_gene_src_fragment             ? 
_entity_src_gen.pdbx_gene_src_scientific_name      'Homo sapiens' 
_entity_src_gen.pdbx_gene_src_ncbi_taxonomy_id     9606 
_entity_src_gen.pdbx_gene_src_variant              ? 
_entity_src_gen.pdbx_gene_src_cell_line            ? 
_entity_src_gen.pdbx_gene_src_atcc                 ? 
_entity_src_gen.pdbx_gene_src_organ                ? 
_entity_src_gen.pdbx_gene_src_organelle            ? 
_entity_src_gen.pdbx_gene_src_cell                 ? 
_entity_src_gen.pdbx_gene_src_cellular_location    ? 
_entity_src_gen.host_org_common_name               ? 
_entity_src_gen.pdbx_host_org_scientific_name      ? 
_entity_src_gen.pdbx_host_org_ncbi_taxonomy_id     ? 
_entity_src_gen.host_org_genus                     ? 
_entity_src_gen.pdbx_host_org_gene                 ? 
_entity_src_gen.pdbx_host_org_organ                ? 
_entity_src_gen.host_org_species                   ? 
_entity_src_gen.pdbx_host_org_tissue               ? 
_entity_src_gen.pdbx_host_org_tissue_fraction      ? 
_entity_src_gen.pdbx_host_org_strain               ? 
_entity_src_gen.pdbx_host_org_variant              ? 
_entity_src_gen.pdbx_host_org_cell_line            ? 
_entity_src_gen.pdbx_host_org_atcc                 ? 
_entity_src_gen.pdbx_host_org_culture_collection   ? 
_entity_src_gen.pdbx_host_org_cell                 ? 
_entity_src_gen.pdbx_host_org_organelle            ? 
_entity_src_gen.pdbx_host_org_cellular_location    ? 
_entity_src_gen.pdbx_host_org_vector_type          ? 
_entity_src_gen.pdbx_host_org_vector               ? 
_entity_src_gen.host_org_details                   ? 
_entity_src_gen.expression_system_id               ? 
_entity_src_gen.plasmid_name                       ? 
_entity_src_gen.plasmid_details                    ? 
_entity_src_gen.pdbx_description                   ? 
# 
loop_
_chem_comp.id 
_chem_comp.type 
_chem_comp.mon_nstd_flag 
_chem_comp.name 
_chem_comp.pdbx_synonyms 
_chem_comp.formula 
_chem_comp.formula_weight 
ALA 'L-peptide linking' y ALANINE         ? 'C3 H7 N O2'     89.093  
ARG 'L-peptide linking' y ARGININE        ? 'C6 H15 N4 O2 1' 175.209 
ASN 'L-peptide linking' y ASPARAGINE      ? 'C4 H8 N2 O3'    132.118 
ASP 'L-peptide linking' y 'ASPARTIC ACID' ? 'C4 H7 N O4'     133.103 
CYS 'L-peptide linking' y CYSTEINE        ? 'C3 H7 N O2 S'   121.158 
GLN 'L-peptide linking' y GLUTAMINE       ? 'C5 H10 N2 O3'   146.144 
GLU 'L-peptide linking' y 'GLUTAMIC ACID' ? 'C5 H9 N O4'     147.129 
GLY 'peptide linking'   y GLYCINE         ? 'C2 H5 N O2'     75.067  
ILE 'L-peptide linking' y ISOLEUCINE      ? 'C6 H13 N O2'    131.173 
LEU 'L-peptide linking' y LEUCINE         ? 'C6 H13 N O2'    131.173 
LYS 'L-peptide linking' y LYSINE          ? 'C6 H15 N2 O2 1' 147.195 
MET 'L-peptide linking' y METHIONINE      ? 'C5 H11 N O2 S'  149.211 
PHE 'L-peptide linking' y PHENYLALANINE   ? 'C9 H11 N O2'    165.189 
PRO 'L-peptide linking' y PROLINE         ? 'C5 H9 N O2'     115.130 
SER 'L-peptide linking' y SERINE          ? 'C3 H7 N O3'     105.093 
THR 'L-peptide linking' y THREONINE       ? 'C4 H9 N O3'     119.119 
TRP 'L-peptide linking' y TRYPTOPHAN      ? 'C11 H12 N2 O2'  204.225 
TYR 'L-peptide linking' y TYROSINE        ? 'C9 H11 N O3'    181.189 
VAL 'L-peptide linking' y VALINE          ? 'C5 H11 N O2'    117.146 
# 
loop_
_pdbx_poly_seq_scheme.asym_id 
_pdbx_poly_seq_scheme.entity_id 
_pdbx_poly_seq_scheme.seq_id 
_pdbx_poly_seq_scheme.mon_id 
_pdbx_poly_seq_scheme.ndb_seq_num 
_pdbx_poly_seq_scheme.pdb_seq_num 
_pdbx_poly_seq_scheme.auth_seq_num 
_pdbx_poly_seq_scheme.pdb_mon_id 
_pdbx_poly_seq_scheme.auth_mon_id 
_pdbx_poly_seq_scheme.pdb_strand_id 
_pdbx_poly_seq_scheme.pdb_ins_code 
_pdbx_poly_seq_scheme.hetero 
A 1 1   ASP 1   1   1   ASP ASP A . n 
A 1 2   ILE 2   2   2   ILE ILE A . n 
A 1 3   GLN 3   3   3   GLN GLN A . n 
A 1 4   MET 4   4   4   MET MET A . n 
A 1 5   THR 5   5   5   THR THR A . n 
A 1 6   GLN 6   6   6   GLN GLN A . n 
A 1 7   SER 7   7   7   SER SER A . n 
A 1 8   PRO 8   8   8   PRO PRO A . n 
A 1 9   SER 9   9   9   SER SER A . n 
A 1 10  SER 10  10  10  SER SER A . n 
A 1 11  LEU 11  11  11  LEU LEU A . n 
A 1 12  SER 12  12  12  SER SER A . n 
A 1 13  ALA 13  13  13  ALA ALA A . n 
A 1 14  SER 14  14  14  SER SER A . n 
A 1 15  VAL 15  15  15  VAL VAL A . n 
A 1 16  GLY 16  16  16  GLY GLY A . n 
A 1 17  ASP 17  17  17  ASP ASP A . n 
A 1 18  ARG 18  18  18  ARG ARG A . n 
A 1 19  VAL 19  19  19  VAL VAL A . n 
A 1 20  THR 20  20  20  THR THR A . n 
A 1 21  ILE 21  21  21  ILE ILE A . n 
A 1 22  THR 22  22  22  THR THR A . n 
A 1 23  CYS 23  23  23  CYS CYS A . n 
A 1 24  ARG 24  24  24  ARG ARG A . n 
A 1 25  ALA 25  25  25  ALA ALA A . n 
A 1 26  SER 26  26  26  SER SER A . n 
A 1 27  GLN 27  27  27  GLN GLN A . n 
A 1 28  ASP 28  28  28  ASP ASP A . n 
A 1 29  ILE 29  29  29  ILE ILE A . n 
A 1 30  ILE 30  30  30  ILE ILE A . n 
A 1 31  LYS 31  31  31  LYS LYS A . n 
A 1 32  TYR 32  32  32  TYR TYR A . n 
A 1 33  LEU 33  33  33  LEU LEU A . n 
A 1 34  ALA 34  34  34  ALA ALA A . n 
A 1 35  TRP 35  35  35  TRP TRP A . n 
A 1 36  TYR 36  36  36  TYR TYR A . n 
A 1 37  GLN 37  37  37  GLN GLN A . n 
A 1 38  GLN 38  38  38  GLN GLN A . n 
A 1 39  LYS 39  39  39  LYS LYS A . n 
A 1 40  PRO 40  40  40  PRO PRO A . n 
A 1 41  GLY 41  41  41  GLY GLY A . n 
A 1 42  LYS 42  42  42  LYS LYS A . n 
A 1 43  ALA 43  43  43  ALA ALA A . n 
A 1 44  PRO 44  44  44  PRO PRO A . n 
A 1 45  LYS 45  45  45  LYS LYS A . n 
A 1 46  LEU 46  46  46  LEU LEU A . n 
A 1 47  LEU 47  47  47  LEU LEU A . n 
A 1 48  ILE 48  48  48  ILE ILE A . n 
A 1 49  TYR 49  49  49  TYR TYR A . n 
A 1 50  GLU 50  50  50  GLU GLU A . n 
A 1 51  ALA 51  51  51  ALA ALA A . n 
A 1 52  SER 52  52  52  SER SER A . n 
A 1 53  ASN 53  53  53  ASN ASN A . n 
A 1 54  LEU 54  54  54  LEU LEU A . n 
A 1 55  GLN 55  55  55  GLN GLN A . n 
A 1 56  ALA 56  56  56  ALA ALA A . n 
A 1 57  GLY 57  57  57  GLY GLY A . n 
A 1 58  VAL 58  58  58  VAL VAL A . n 
A 1 59  PRO 59  59  59  PRO PRO A . n 
A 1 60  SER 60  60  60  SER SER A . n 
A 1 61  ARG 61  61  61  ARG ARG A . n 
A 1 62  PHE 62  62  62  PHE PHE A . n 
A 1 63  SER 63  63  63  SER SER A . n 
A 1 64  GLY 64  64  64  GLY GLY A . n 
A 1 65  SER 65  65  65  SER SER A . n 
A 1 66  GLY 66  66  66  GLY GLY A . n 
A 1 67  SER 67  67  67  SER SER A . n 
A 1 68  GLY 68  68  68  GLY GLY A . n 
A 1 69  THR 69  69  69  THR THR A . n 
A 1 70  ASP 70  70  70  ASP ASP A . n 
A 1 71  PHE 71  71  71  PHE PHE A . n 
A 1 72  THR 72  72  72  THR THR A . n 
A 1 73  LEU 73  73  73  LEU LEU A . n 
A 1 74  THR 74  74  74  THR THR A . n 
A 1 75  ILE 75  75  75  ILE ILE A . n 
A 1 76  SER 76  76  76  SER SER A . n 
A 1 77  SER 77  77  77  SER SER A . n 
A 1 78  LEU 78  78  78  LEU LEU A . n 
A 1 79  GLN 79  79  79  GLN GLN A . n 
A 1 80  PRO 80  80  80  PRO PRO A . n 
A 1 81  GLU 81  81  81  GLU GLU A . n 
A 1 82  ASP 82  82  82  ASP ASP A . n 
A 1 83  PHE 83  83  83  PHE PHE A . n 
A 1 84  ALA 84  84  84  ALA ALA A . n 
A 1 85  THR 85  85  85  THR THR A . n 
A 1 86  TYR 86  86  86  TYR TYR A . n 
A 1 87  TYR 87  87  87  TYR TYR A . n 
A 1 88  CYS 88  88  88  CYS CYS A . n 
A 1 89  GLN 89  89  89  GLN GLN A . n 
A 1 90  GLN 90  90  90  GLN GLN A . n 
A 1 91  TYR 91  91  91  TYR TYR A . n 
A 1 92  GLN 92  92  92  GLN GLN A . n 
A 1 93  SER 93  93  93  SER SER A . n 
A 1 94  LEU 94  94  94  LEU LEU A . n 
A 1 95  PRO 95  95  95  PRO PRO A . n 
A 1 96  TYR 96  96  96  TYR TYR A . n 
A 1 97  THR 97  97  97  THR THR A . n 
A 1 98  PHE 98  98  98  PHE PHE A . n 
A 1 99  GLY 99  99  99  GLY GLY A . n 
A 1 100 GLN 100 100 100 GLN GLN A . n 
A 1 101 GLY 101 101 101 GLY GLY A . n 
A 1 102 THR 102 102 102 THR THR A . n 
A 1 103 LYS 103 103 103 LYS LYS A . n 
A 1 104 LEU 104 104 104 LEU LEU A . n 
A 1 105 GLU 105 105 105 GLU GLU A . n 
A 1 106 ILE 106 106 106 ILE ILE A . n 
A 1 107 THR 107 107 107 THR THR A . n 
# 
_software.name             SHELXL-97 
_software.classification   refinement 
_software.version          . 
_software.citation_id      ? 
_software.pdbx_ordinal     1 
# 
_cell.entry_id           4L1H 
_cell.length_a           87.143 
_cell.length_b           87.143 
_cell.length_c           73.366 
_cell.angle_alpha        90.00 
_cell.angle_beta         90.00 
_cell.angle_gamma        120.00 
_cell.Z_PDB              12 
_cell.pdbx_unique_axis   ? 
_cell.length_a_esd       ? 
_cell.length_b_esd       ? 
_cell.length_c_esd       ? 
_cell.angle_alpha_esd    ? 
_cell.angle_beta_esd     ? 
_cell.angle_gamma_esd    ? 
# 
_symmetry.entry_id                         4L1H 
_symmetry.space_group_name_H-M             'P 61 2 2' 
_symmetry.pdbx_full_space_group_name_H-M   ? 
_symmetry.cell_setting                     ? 
_symmetry.Int_Tables_number                178 
_symmetry.space_group_name_Hall            ? 
# 
_exptl.entry_id          4L1H 
_exptl.method            'X-RAY DIFFRACTION' 
_exptl.crystals_number   ? 
# 
_exptl_crystal.id                    1 
_exptl_crystal.density_meas          ? 
_exptl_crystal.density_Matthews      3.42 
_exptl_crystal.density_percent_sol   64.05 
_exptl_crystal.description           ? 
_exptl_crystal.F_000                 ? 
_exptl_crystal.preparation           ? 
# 
_diffrn.id                     1 
_diffrn.ambient_temp           ? 
_diffrn.ambient_temp_details   ? 
_diffrn.crystal_id             1 
# 
_diffrn_detector.diffrn_id              1 
_diffrn_detector.detector               'IMAGE PLATE' 
_diffrn_detector.type                   'MAR555 FLAT PANEL' 
_diffrn_detector.pdbx_collection_date   ? 
_diffrn_detector.details                ? 
# 
_diffrn_radiation.diffrn_id                        1 
_diffrn_radiation.wavelength_id                    1 
_diffrn_radiation.pdbx_monochromatic_or_laue_m_l   M 
_diffrn_radiation.monochromator                    'Si(111)' 
_diffrn_radiation.pdbx_diffrn_protocol             'SINGLE WAVELENGTH' 
_diffrn_radiation.pdbx_scattering_type             x-ray 
# 
_diffrn_radiation_wavelength.id           1 
_diffrn_radiation_wavelength.wavelength   0.98 
_diffrn_radiation_wavelength.wt           1.0 
# 
_diffrn_source.diffrn_id                   1 
_diffrn_source.source                      SYNCHROTRON 
_diffrn_source.type                        'EMBL/DESY, HAMBURG BEAMLINE X11' 
_diffrn_source.pdbx_synchrotron_site       'EMBL/DESY, HAMBURG' 
_diffrn_source.pdbx_synchrotron_beamline   X11 
_diffrn_source.pdbx_wavelength             ? 
_diffrn_source.pdbx_wavelength_list        0.98 
# 
_reflns.entry_id                     4L1H 
_reflns.observed_criterion_sigma_I   ? 
_reflns.observed_criterion_sigma_F   4 
_reflns.d_resolution_low             52.61 
_reflns.d_resolution_high            1.68 
_reflns.number_obs                   15847 
_reflns.number_all                   19267 
_reflns.percent_possible_obs         99.8 
_reflns.pdbx_Rmerge_I_obs            ? 
_reflns.pdbx_Rsym_value              ? 
_reflns.pdbx_netI_over_sigmaI        ? 
_reflns.B_iso_Wilson_estimate        ? 
_reflns.pdbx_redundancy              ? 
_reflns.R_free_details               ? 
_reflns.limit_h_max                  ? 
_reflns.limit_h_min                  ? 
_reflns.limit_k_max                  ? 
_reflns.limit_k_min                  ? 
_reflns.limit_l_max                  ? 
_reflns.limit_l_min                  ? 
_reflns.observed_criterion_F_max     ? 
_reflns.observed_criterion_F_min     ? 
_reflns.pdbx_chi_squared             ? 
_reflns.pdbx_scaling_rejects         ? 
_reflns.pdbx_ordinal                 1 
_reflns.pdbx_diffrn_id               1 
# 
_reflns_shell.d_res_high             1.68 
_reflns_shell.d_res_low              ? 
_reflns_shell.percent_possible_all   ? 
_reflns_shell.Rmerge_I_obs           ? 
_reflns_shell.pdbx_Rsym_value        ? 
_reflns_shell.meanI_over_sigI_obs    ? 
_reflns_shell.pdbx_redundancy        ? 
_reflns_shell.percent_possible_obs   ? 
_reflns_shell.number_unique_all      ? 
_reflns_shell.number_measured_all    ? 
_reflns_shell.number_measured_obs    ? 
_reflns_shell.number_unique_obs      ? 
_reflns_shell.pdbx_chi_squared       ? 
_reflns_shell.pdbx_ordinal           1 
_reflns_shell.pdbx_diffrn_id         1 
# 
_refine.entry_id                                 4L1H 
_refine.ls_number_reflns_obs                     15049 
_refine.ls_number_reflns_all                     18304 
_refine.pdbx_ls_sigma_I                          ? 
_refine.pdbx_ls_sigma_F                          4.0 
_refine.pdbx_data_cutoff_high_absF               ? 
_refine.pdbx_data_cutoff_low_absF                ? 
_refine.pdbx_data_cutoff_high_rms_absF           ? 
_refine.ls_d_res_low                             52.61 
_refine.ls_d_res_high                            1.68 
_refine.ls_percent_reflns_obs                    ? 
_refine.ls_R_factor_obs                          0.1952 
_refine.ls_R_factor_all                          0.2135 
_refine.ls_R_factor_R_work                       0.1952 
_refine.ls_R_factor_R_free                       0.26 
_refine.ls_R_factor_R_free_error                 ? 
_refine.ls_R_factor_R_free_error_details         ? 
_refine.ls_percent_reflns_R_free                 ? 
_refine.ls_number_reflns_R_free                  963 
_refine.ls_number_parameters                     ? 
_refine.ls_number_restraints                     ? 
_refine.occupancy_min                            ? 
_refine.occupancy_max                            ? 
_refine.correlation_coeff_Fo_to_Fc               ? 
_refine.correlation_coeff_Fo_to_Fc_free          ? 
_refine.B_iso_mean                               ? 
_refine.aniso_B[1][1]                            ? 
_refine.aniso_B[2][2]                            ? 
_refine.aniso_B[3][3]                            ? 
_refine.aniso_B[1][2]                            ? 
_refine.aniso_B[1][3]                            ? 
_refine.aniso_B[2][3]                            ? 
_refine.solvent_model_details                    ? 
_refine.solvent_model_param_ksol                 ? 
_refine.solvent_model_param_bsol                 ? 
_refine.pdbx_solvent_vdw_probe_radii             ? 
_refine.pdbx_solvent_ion_probe_radii             ? 
_refine.pdbx_solvent_shrinkage_radii             ? 
_refine.pdbx_ls_cross_valid_method               ? 
_refine.details                                  ? 
_refine.pdbx_starting_model                      ? 
_refine.pdbx_method_to_determine_struct          'MOLECULAR REPLACEMENT' 
_refine.pdbx_isotropic_thermal_model             ? 
_refine.pdbx_stereochemistry_target_values       'Engh & Huber' 
_refine.pdbx_stereochem_target_val_spec_case     ? 
_refine.pdbx_R_Free_selection_details            RANDOM 
_refine.pdbx_overall_ESU_R                       ? 
_refine.pdbx_overall_ESU_R_Free                  ? 
_refine.overall_SU_ML                            ? 
_refine.pdbx_overall_phase_error                 ? 
_refine.overall_SU_B                             ? 
_refine.overall_SU_R_Cruickshank_DPI             ? 
_refine.ls_redundancy_reflns_obs                 ? 
_refine.B_iso_min                                ? 
_refine.B_iso_max                                ? 
_refine.overall_SU_R_free                        ? 
_refine.ls_wR_factor_R_free                      ? 
_refine.ls_wR_factor_R_work                      ? 
_refine.overall_FOM_free_R_set                   ? 
_refine.overall_FOM_work_R_set                   ? 
_refine.pdbx_diffrn_id                           1 
_refine.pdbx_refine_id                           'X-RAY DIFFRACTION' 
_refine.pdbx_TLS_residual_ADP_flag               ? 
_refine.pdbx_overall_SU_R_free_Cruickshank_DPI   ? 
_refine.pdbx_overall_SU_R_Blow_DPI               ? 
_refine.pdbx_overall_SU_R_free_Blow_DPI          ? 
# 
_refine_hist.pdbx_refine_id                   'X-RAY DIFFRACTION' 
_refine_hist.cycle_id                         LAST 
_refine_hist.pdbx_number_atoms_protein        827 
_refine_hist.pdbx_number_atoms_nucleic_acid   0 
_refine_hist.pdbx_number_atoms_ligand         0 
_refine_hist.number_atoms_solvent             0 
_refine_hist.number_atoms_total               827 
_refine_hist.d_res_high                       1.68 
_refine_hist.d_res_low                        52.61 
# 
_struct.entry_id                  4L1H 
_struct.title                     'Bence-Jones immunoglobulin REI variable portion with seven point mutations' 
_struct.pdbx_model_details        ? 
_struct.pdbx_CASP_flag            ? 
_struct.pdbx_model_type_details   ? 
# 
_struct_keywords.entry_id        4L1H 
_struct_keywords.pdbx_keywords   'IMMUNE SYSTEM' 
_struct_keywords.text            'immunoglobulin kappa-chains, recombinant, IMMUNE SYSTEM' 
# 
_struct_asym.id                            A 
_struct_asym.pdbx_blank_PDB_chainid_flag   N 
_struct_asym.pdbx_modified                 N 
_struct_asym.entity_id                     1 
_struct_asym.details                       ? 
# 
_struct_ref.id                         1 
_struct_ref.db_name                    UNP 
_struct_ref.db_code                    KV115_HUMAN 
_struct_ref.pdbx_db_accession          P01607 
_struct_ref.entity_id                  1 
_struct_ref.pdbx_seq_one_letter_code   
;DIQMTQSPSSLSASVGDRVTITCQASQDIIKYLNWYQQTPGKAPKLLIYEASNLQAGVPSRFSGSGSGTDYTFTISSLQP
EDIATYYCQQYQSLPYTFGQGTKLQIT
;
_struct_ref.pdbx_align_begin           1 
_struct_ref.pdbx_db_isoform            ? 
# 
_struct_ref_seq.align_id                      1 
_struct_ref_seq.ref_id                        1 
_struct_ref_seq.pdbx_PDB_id_code              4L1H 
_struct_ref_seq.pdbx_strand_id                A 
_struct_ref_seq.seq_align_beg                 1 
_struct_ref_seq.pdbx_seq_align_beg_ins_code   ? 
_struct_ref_seq.seq_align_end                 107 
_struct_ref_seq.pdbx_seq_align_end_ins_code   ? 
_struct_ref_seq.pdbx_db_accession             P01607 
_struct_ref_seq.db_align_beg                  1 
_struct_ref_seq.pdbx_db_align_beg_ins_code    ? 
_struct_ref_seq.db_align_end                  107 
_struct_ref_seq.pdbx_db_align_end_ins_code    ? 
_struct_ref_seq.pdbx_auth_seq_align_beg       1 
_struct_ref_seq.pdbx_auth_seq_align_end       107 
# 
loop_
_struct_ref_seq_dif.align_id 
_struct_ref_seq_dif.pdbx_pdb_id_code 
_struct_ref_seq_dif.mon_id 
_struct_ref_seq_dif.pdbx_pdb_strand_id 
_struct_ref_seq_dif.seq_num 
_struct_ref_seq_dif.pdbx_pdb_ins_code 
_struct_ref_seq_dif.pdbx_seq_db_name 
_struct_ref_seq_dif.pdbx_seq_db_accession_code 
_struct_ref_seq_dif.db_mon_id 
_struct_ref_seq_dif.pdbx_seq_db_seq_num 
_struct_ref_seq_dif.details 
_struct_ref_seq_dif.pdbx_auth_seq_num 
_struct_ref_seq_dif.pdbx_ordinal 
1 4L1H ARG A 24  ? UNP P01607 GLN 24  'engineered mutation' 24  1 
1 4L1H ALA A 34  ? UNP P01607 ASN 34  'engineered mutation' 34  2 
1 4L1H LYS A 39  ? UNP P01607 THR 39  'engineered mutation' 39  3 
1 4L1H PHE A 71  ? UNP P01607 TYR 71  'engineered mutation' 71  4 
1 4L1H LEU A 73  ? UNP P01607 PHE 73  'engineered mutation' 73  5 
1 4L1H PHE A 83  ? UNP P01607 ILE 83  'engineered mutation' 83  6 
1 4L1H GLU A 105 ? UNP P01607 GLN 105 'engineered mutation' 105 7 
# 
loop_
_pdbx_struct_assembly.id 
_pdbx_struct_assembly.details 
_pdbx_struct_assembly.method_details 
_pdbx_struct_assembly.oligomeric_details 
_pdbx_struct_assembly.oligomeric_count 
1 author_defined_assembly   ?    monomeric 1 
2 software_defined_assembly PISA dimeric   2 
# 
loop_
_pdbx_struct_assembly_prop.biol_id 
_pdbx_struct_assembly_prop.type 
_pdbx_struct_assembly_prop.value 
_pdbx_struct_assembly_prop.details 
2 'ABSA (A^2)' 1290 ? 
2 MORE         -8   ? 
2 'SSA (A^2)'  9640 ? 
# 
loop_
_pdbx_struct_assembly_gen.assembly_id 
_pdbx_struct_assembly_gen.oper_expression 
_pdbx_struct_assembly_gen.asym_id_list 
1 1   A 
2 1,2 A 
# 
loop_
_pdbx_struct_oper_list.id 
_pdbx_struct_oper_list.type 
_pdbx_struct_oper_list.name 
_pdbx_struct_oper_list.symmetry_operation 
_pdbx_struct_oper_list.matrix[1][1] 
_pdbx_struct_oper_list.matrix[1][2] 
_pdbx_struct_oper_list.matrix[1][3] 
_pdbx_struct_oper_list.vector[1] 
_pdbx_struct_oper_list.matrix[2][1] 
_pdbx_struct_oper_list.matrix[2][2] 
_pdbx_struct_oper_list.matrix[2][3] 
_pdbx_struct_oper_list.vector[2] 
_pdbx_struct_oper_list.matrix[3][1] 
_pdbx_struct_oper_list.matrix[3][2] 
_pdbx_struct_oper_list.matrix[3][3] 
_pdbx_struct_oper_list.vector[3] 
1 'identity operation'         1_555 x,y,z          1.0000000000  0.0000000000  0.0000000000 0.0000000000   0.0000000000  1.0000000000  0.0000000000  0.0000000000 0.0000000000 0.0000000000  1.0000000000  0.0000000000  
2 'crystal symmetry operation' 9_555 -x,-x+y,-z+2/3 -0.0965525119 -0.6090275802 0.7872502900 -11.5518738768 -0.6090275802 -0.5894453210 -0.5306972961 6.3446677905 0.7872502900 -0.5306972961 -0.3140021670 18.1652382855 
# 
_struct_biol.id        1 
_struct_biol.details   ? 
# 
_struct_conf.conf_type_id            HELX_P 
_struct_conf.id                      HELX_P1 
_struct_conf.pdbx_PDB_helix_id       1 
_struct_conf.beg_label_comp_id       GLN 
_struct_conf.beg_label_asym_id       A 
_struct_conf.beg_label_seq_id        79 
_struct_conf.pdbx_beg_PDB_ins_code   ? 
_struct_conf.end_label_comp_id       PHE 
_struct_conf.end_label_asym_id       A 
_struct_conf.end_label_seq_id        83 
_struct_conf.pdbx_end_PDB_ins_code   ? 
_struct_conf.beg_auth_comp_id        GLN 
_struct_conf.beg_auth_asym_id        A 
_struct_conf.beg_auth_seq_id         79 
_struct_conf.end_auth_comp_id        PHE 
_struct_conf.end_auth_asym_id        A 
_struct_conf.end_auth_seq_id         83 
_struct_conf.pdbx_PDB_helix_class    5 
_struct_conf.details                 ? 
_struct_conf.pdbx_PDB_helix_length   5 
# 
_struct_conf_type.id          HELX_P 
_struct_conf_type.criteria    ? 
_struct_conf_type.reference   ? 
# 
_struct_conn.id                            disulf1 
_struct_conn.conn_type_id                  disulf 
_struct_conn.pdbx_leaving_atom_flag        ? 
_struct_conn.pdbx_PDB_id                   ? 
_struct_conn.ptnr1_label_asym_id           A 
_struct_conn.ptnr1_label_comp_id           CYS 
_struct_conn.ptnr1_label_seq_id            23 
_struct_conn.ptnr1_label_atom_id           SG 
_struct_conn.pdbx_ptnr1_label_alt_id       ? 
_struct_conn.pdbx_ptnr1_PDB_ins_code       ? 
_struct_conn.pdbx_ptnr1_standard_comp_id   ? 
_struct_conn.ptnr1_symmetry                1_555 
_struct_conn.ptnr2_label_asym_id           A 
_struct_conn.ptnr2_label_comp_id           CYS 
_struct_conn.ptnr2_label_seq_id            88 
_struct_conn.ptnr2_label_atom_id           SG 
_struct_conn.pdbx_ptnr2_label_alt_id       ? 
_struct_conn.pdbx_ptnr2_PDB_ins_code       ? 
_struct_conn.ptnr1_auth_asym_id            A 
_struct_conn.ptnr1_auth_comp_id            CYS 
_struct_conn.ptnr1_auth_seq_id             23 
_struct_conn.ptnr2_auth_asym_id            A 
_struct_conn.ptnr2_auth_comp_id            CYS 
_struct_conn.ptnr2_auth_seq_id             88 
_struct_conn.ptnr2_symmetry                1_555 
_struct_conn.pdbx_ptnr3_label_atom_id      ? 
_struct_conn.pdbx_ptnr3_label_seq_id       ? 
_struct_conn.pdbx_ptnr3_label_comp_id      ? 
_struct_conn.pdbx_ptnr3_label_asym_id      ? 
_struct_conn.pdbx_ptnr3_label_alt_id       ? 
_struct_conn.pdbx_ptnr3_PDB_ins_code       ? 
_struct_conn.details                       ? 
_struct_conn.pdbx_dist_value               2.090 
_struct_conn.pdbx_value_order              ? 
_struct_conn.pdbx_role                     ? 
# 
_struct_conn_type.id          disulf 
_struct_conn_type.criteria    ? 
_struct_conn_type.reference   ? 
# 
_pdbx_modification_feature.ordinal                            1 
_pdbx_modification_feature.label_comp_id                      CYS 
_pdbx_modification_feature.label_asym_id                      A 
_pdbx_modification_feature.label_seq_id                       23 
_pdbx_modification_feature.label_alt_id                       ? 
_pdbx_modification_feature.modified_residue_label_comp_id     CYS 
_pdbx_modification_feature.modified_residue_label_asym_id     A 
_pdbx_modification_feature.modified_residue_label_seq_id      88 
_pdbx_modification_feature.modified_residue_label_alt_id      ? 
_pdbx_modification_feature.auth_comp_id                       CYS 
_pdbx_modification_feature.auth_asym_id                       A 
_pdbx_modification_feature.auth_seq_id                        23 
_pdbx_modification_feature.PDB_ins_code                       ? 
_pdbx_modification_feature.symmetry                           1_555 
_pdbx_modification_feature.modified_residue_auth_comp_id      CYS 
_pdbx_modification_feature.modified_residue_auth_asym_id      A 
_pdbx_modification_feature.modified_residue_auth_seq_id       88 
_pdbx_modification_feature.modified_residue_PDB_ins_code      ? 
_pdbx_modification_feature.modified_residue_symmetry          1_555 
_pdbx_modification_feature.comp_id_linking_atom               SG 
_pdbx_modification_feature.modified_residue_id_linking_atom   SG 
_pdbx_modification_feature.modified_residue_id                . 
_pdbx_modification_feature.ref_pcm_id                         . 
_pdbx_modification_feature.ref_comp_id                        . 
_pdbx_modification_feature.type                               None 
_pdbx_modification_feature.category                           'Disulfide bridge' 
# 
loop_
_struct_mon_prot_cis.pdbx_id 
_struct_mon_prot_cis.label_comp_id 
_struct_mon_prot_cis.label_seq_id 
_struct_mon_prot_cis.label_asym_id 
_struct_mon_prot_cis.label_alt_id 
_struct_mon_prot_cis.pdbx_PDB_ins_code 
_struct_mon_prot_cis.auth_comp_id 
_struct_mon_prot_cis.auth_seq_id 
_struct_mon_prot_cis.auth_asym_id 
_struct_mon_prot_cis.pdbx_label_comp_id_2 
_struct_mon_prot_cis.pdbx_label_seq_id_2 
_struct_mon_prot_cis.pdbx_label_asym_id_2 
_struct_mon_prot_cis.pdbx_PDB_ins_code_2 
_struct_mon_prot_cis.pdbx_auth_comp_id_2 
_struct_mon_prot_cis.pdbx_auth_seq_id_2 
_struct_mon_prot_cis.pdbx_auth_asym_id_2 
_struct_mon_prot_cis.pdbx_PDB_model_num 
_struct_mon_prot_cis.pdbx_omega_angle 
1 SER 7  A . ? SER 7  A PRO 8  A ? PRO 8  A 1 -0.56 
2 LEU 94 A . ? LEU 94 A PRO 95 A ? PRO 95 A 1 -2.53 
# 
loop_
_struct_sheet.id 
_struct_sheet.type 
_struct_sheet.number_strands 
_struct_sheet.details 
A ? 4 ? 
B ? 6 ? 
C ? 4 ? 
# 
loop_
_struct_sheet_order.sheet_id 
_struct_sheet_order.range_id_1 
_struct_sheet_order.range_id_2 
_struct_sheet_order.offset 
_struct_sheet_order.sense 
A 1 2 ? anti-parallel 
A 2 3 ? anti-parallel 
A 3 4 ? anti-parallel 
B 1 2 ? parallel      
B 2 3 ? anti-parallel 
B 3 4 ? anti-parallel 
B 4 5 ? anti-parallel 
B 5 6 ? anti-parallel 
C 1 2 ? parallel      
C 2 3 ? anti-parallel 
C 3 4 ? anti-parallel 
# 
loop_
_struct_sheet_range.sheet_id 
_struct_sheet_range.id 
_struct_sheet_range.beg_label_comp_id 
_struct_sheet_range.beg_label_asym_id 
_struct_sheet_range.beg_label_seq_id 
_struct_sheet_range.pdbx_beg_PDB_ins_code 
_struct_sheet_range.end_label_comp_id 
_struct_sheet_range.end_label_asym_id 
_struct_sheet_range.end_label_seq_id 
_struct_sheet_range.pdbx_end_PDB_ins_code 
_struct_sheet_range.beg_auth_comp_id 
_struct_sheet_range.beg_auth_asym_id 
_struct_sheet_range.beg_auth_seq_id 
_struct_sheet_range.end_auth_comp_id 
_struct_sheet_range.end_auth_asym_id 
_struct_sheet_range.end_auth_seq_id 
A 1 MET A 4   ? SER A 7   ? MET A 4   SER A 7   
A 2 VAL A 19  ? ALA A 25  ? VAL A 19  ALA A 25  
A 3 ASP A 70  ? ILE A 75  ? ASP A 70  ILE A 75  
A 4 PHE A 62  ? SER A 67  ? PHE A 62  SER A 67  
B 1 SER A 10  ? ALA A 13  ? SER A 10  ALA A 13  
B 2 THR A 102 ? ILE A 106 ? THR A 102 ILE A 106 
B 3 ALA A 84  ? GLN A 90  ? ALA A 84  GLN A 90  
B 4 LEU A 33  ? GLN A 38  ? LEU A 33  GLN A 38  
B 5 LYS A 45  ? TYR A 49  ? LYS A 45  TYR A 49  
B 6 ASN A 53  ? LEU A 54  ? ASN A 53  LEU A 54  
C 1 SER A 10  ? ALA A 13  ? SER A 10  ALA A 13  
C 2 THR A 102 ? ILE A 106 ? THR A 102 ILE A 106 
C 3 ALA A 84  ? GLN A 90  ? ALA A 84  GLN A 90  
C 4 THR A 97  ? PHE A 98  ? THR A 97  PHE A 98  
# 
loop_
_pdbx_struct_sheet_hbond.sheet_id 
_pdbx_struct_sheet_hbond.range_id_1 
_pdbx_struct_sheet_hbond.range_id_2 
_pdbx_struct_sheet_hbond.range_1_label_atom_id 
_pdbx_struct_sheet_hbond.range_1_label_comp_id 
_pdbx_struct_sheet_hbond.range_1_label_asym_id 
_pdbx_struct_sheet_hbond.range_1_label_seq_id 
_pdbx_struct_sheet_hbond.range_1_PDB_ins_code 
_pdbx_struct_sheet_hbond.range_1_auth_atom_id 
_pdbx_struct_sheet_hbond.range_1_auth_comp_id 
_pdbx_struct_sheet_hbond.range_1_auth_asym_id 
_pdbx_struct_sheet_hbond.range_1_auth_seq_id 
_pdbx_struct_sheet_hbond.range_2_label_atom_id 
_pdbx_struct_sheet_hbond.range_2_label_comp_id 
_pdbx_struct_sheet_hbond.range_2_label_asym_id 
_pdbx_struct_sheet_hbond.range_2_label_seq_id 
_pdbx_struct_sheet_hbond.range_2_PDB_ins_code 
_pdbx_struct_sheet_hbond.range_2_auth_atom_id 
_pdbx_struct_sheet_hbond.range_2_auth_comp_id 
_pdbx_struct_sheet_hbond.range_2_auth_asym_id 
_pdbx_struct_sheet_hbond.range_2_auth_seq_id 
A 1 2 N SER A 7   ? N SER A 7   O THR A 22  ? O THR A 22  
A 2 3 N ILE A 21  ? N ILE A 21  O LEU A 73  ? O LEU A 73  
A 3 4 O THR A 74  ? O THR A 74  N SER A 63  ? N SER A 63  
B 1 2 N LEU A 11  ? N LEU A 11  O GLU A 105 ? O GLU A 105 
B 2 3 O LEU A 104 ? O LEU A 104 N ALA A 84  ? N ALA A 84  
B 3 4 O TYR A 87  ? O TYR A 87  N TYR A 36  ? N TYR A 36  
B 4 5 N GLN A 37  ? N GLN A 37  O LYS A 45  ? O LYS A 45  
B 5 6 N TYR A 49  ? N TYR A 49  O ASN A 53  ? O ASN A 53  
C 1 2 N LEU A 11  ? N LEU A 11  O GLU A 105 ? O GLU A 105 
C 2 3 O LEU A 104 ? O LEU A 104 N ALA A 84  ? N ALA A 84  
C 3 4 N GLN A 90  ? N GLN A 90  O THR A 97  ? O THR A 97  
# 
_pdbx_entry_details.entry_id                   4L1H 
_pdbx_entry_details.compound_details           ? 
_pdbx_entry_details.source_details             ? 
_pdbx_entry_details.nonpolymer_details         ? 
_pdbx_entry_details.sequence_details           ? 
_pdbx_entry_details.has_ligand_of_interest     ? 
_pdbx_entry_details.has_protein_modification   Y 
# 
_pdbx_validate_rmsd_angle.id                         1 
_pdbx_validate_rmsd_angle.PDB_model_num              1 
_pdbx_validate_rmsd_angle.auth_atom_id_1             CB 
_pdbx_validate_rmsd_angle.auth_asym_id_1             A 
_pdbx_validate_rmsd_angle.auth_comp_id_1             ASP 
_pdbx_validate_rmsd_angle.auth_seq_id_1              28 
_pdbx_validate_rmsd_angle.PDB_ins_code_1             ? 
_pdbx_validate_rmsd_angle.label_alt_id_1             ? 
_pdbx_validate_rmsd_angle.auth_atom_id_2             CG 
_pdbx_validate_rmsd_angle.auth_asym_id_2             A 
_pdbx_validate_rmsd_angle.auth_comp_id_2             ASP 
_pdbx_validate_rmsd_angle.auth_seq_id_2              28 
_pdbx_validate_rmsd_angle.PDB_ins_code_2             ? 
_pdbx_validate_rmsd_angle.label_alt_id_2             ? 
_pdbx_validate_rmsd_angle.auth_atom_id_3             OD1 
_pdbx_validate_rmsd_angle.auth_asym_id_3             A 
_pdbx_validate_rmsd_angle.auth_comp_id_3             ASP 
_pdbx_validate_rmsd_angle.auth_seq_id_3              28 
_pdbx_validate_rmsd_angle.PDB_ins_code_3             ? 
_pdbx_validate_rmsd_angle.label_alt_id_3             ? 
_pdbx_validate_rmsd_angle.angle_value                125.22 
_pdbx_validate_rmsd_angle.angle_target_value         118.30 
_pdbx_validate_rmsd_angle.angle_deviation            6.92 
_pdbx_validate_rmsd_angle.angle_standard_deviation   0.90 
_pdbx_validate_rmsd_angle.linker_flag                N 
# 
loop_
_pdbx_validate_torsion.id 
_pdbx_validate_torsion.PDB_model_num 
_pdbx_validate_torsion.auth_comp_id 
_pdbx_validate_torsion.auth_asym_id 
_pdbx_validate_torsion.auth_seq_id 
_pdbx_validate_torsion.PDB_ins_code 
_pdbx_validate_torsion.label_alt_id 
_pdbx_validate_torsion.phi 
_pdbx_validate_torsion.psi 
1 1 ILE A 30 ? ? 53.65   -113.23 
2 1 ALA A 51 ? ? 69.24   -38.76  
3 1 ALA A 84 ? ? -176.48 -173.26 
# 
loop_
_chem_comp_atom.comp_id 
_chem_comp_atom.atom_id 
_chem_comp_atom.type_symbol 
_chem_comp_atom.pdbx_aromatic_flag 
_chem_comp_atom.pdbx_stereo_config 
_chem_comp_atom.pdbx_ordinal 
ALA N    N N N 1   
ALA CA   C N S 2   
ALA C    C N N 3   
ALA O    O N N 4   
ALA CB   C N N 5   
ALA OXT  O N N 6   
ALA H    H N N 7   
ALA H2   H N N 8   
ALA HA   H N N 9   
ALA HB1  H N N 10  
ALA HB2  H N N 11  
ALA HB3  H N N 12  
ALA HXT  H N N 13  
ARG N    N N N 14  
ARG CA   C N S 15  
ARG C    C N N 16  
ARG O    O N N 17  
ARG CB   C N N 18  
ARG CG   C N N 19  
ARG CD   C N N 20  
ARG NE   N N N 21  
ARG CZ   C N N 22  
ARG NH1  N N N 23  
ARG NH2  N N N 24  
ARG OXT  O N N 25  
ARG H    H N N 26  
ARG H2   H N N 27  
ARG HA   H N N 28  
ARG HB2  H N N 29  
ARG HB3  H N N 30  
ARG HG2  H N N 31  
ARG HG3  H N N 32  
ARG HD2  H N N 33  
ARG HD3  H N N 34  
ARG HE   H N N 35  
ARG HH11 H N N 36  
ARG HH12 H N N 37  
ARG HH21 H N N 38  
ARG HH22 H N N 39  
ARG HXT  H N N 40  
ASN N    N N N 41  
ASN CA   C N S 42  
ASN C    C N N 43  
ASN O    O N N 44  
ASN CB   C N N 45  
ASN CG   C N N 46  
ASN OD1  O N N 47  
ASN ND2  N N N 48  
ASN OXT  O N N 49  
ASN H    H N N 50  
ASN H2   H N N 51  
ASN HA   H N N 52  
ASN HB2  H N N 53  
ASN HB3  H N N 54  
ASN HD21 H N N 55  
ASN HD22 H N N 56  
ASN HXT  H N N 57  
ASP N    N N N 58  
ASP CA   C N S 59  
ASP C    C N N 60  
ASP O    O N N 61  
ASP CB   C N N 62  
ASP CG   C N N 63  
ASP OD1  O N N 64  
ASP OD2  O N N 65  
ASP OXT  O N N 66  
ASP H    H N N 67  
ASP H2   H N N 68  
ASP HA   H N N 69  
ASP HB2  H N N 70  
ASP HB3  H N N 71  
ASP HD2  H N N 72  
ASP HXT  H N N 73  
CYS N    N N N 74  
CYS CA   C N R 75  
CYS C    C N N 76  
CYS O    O N N 77  
CYS CB   C N N 78  
CYS SG   S N N 79  
CYS OXT  O N N 80  
CYS H    H N N 81  
CYS H2   H N N 82  
CYS HA   H N N 83  
CYS HB2  H N N 84  
CYS HB3  H N N 85  
CYS HG   H N N 86  
CYS HXT  H N N 87  
GLN N    N N N 88  
GLN CA   C N S 89  
GLN C    C N N 90  
GLN O    O N N 91  
GLN CB   C N N 92  
GLN CG   C N N 93  
GLN CD   C N N 94  
GLN OE1  O N N 95  
GLN NE2  N N N 96  
GLN OXT  O N N 97  
GLN H    H N N 98  
GLN H2   H N N 99  
GLN HA   H N N 100 
GLN HB2  H N N 101 
GLN HB3  H N N 102 
GLN HG2  H N N 103 
GLN HG3  H N N 104 
GLN HE21 H N N 105 
GLN HE22 H N N 106 
GLN HXT  H N N 107 
GLU N    N N N 108 
GLU CA   C N S 109 
GLU C    C N N 110 
GLU O    O N N 111 
GLU CB   C N N 112 
GLU CG   C N N 113 
GLU CD   C N N 114 
GLU OE1  O N N 115 
GLU OE2  O N N 116 
GLU OXT  O N N 117 
GLU H    H N N 118 
GLU H2   H N N 119 
GLU HA   H N N 120 
GLU HB2  H N N 121 
GLU HB3  H N N 122 
GLU HG2  H N N 123 
GLU HG3  H N N 124 
GLU HE2  H N N 125 
GLU HXT  H N N 126 
GLY N    N N N 127 
GLY CA   C N N 128 
GLY C    C N N 129 
GLY O    O N N 130 
GLY OXT  O N N 131 
GLY H    H N N 132 
GLY H2   H N N 133 
GLY HA2  H N N 134 
GLY HA3  H N N 135 
GLY HXT  H N N 136 
ILE N    N N N 137 
ILE CA   C N S 138 
ILE C    C N N 139 
ILE O    O N N 140 
ILE CB   C N S 141 
ILE CG1  C N N 142 
ILE CG2  C N N 143 
ILE CD1  C N N 144 
ILE OXT  O N N 145 
ILE H    H N N 146 
ILE H2   H N N 147 
ILE HA   H N N 148 
ILE HB   H N N 149 
ILE HG12 H N N 150 
ILE HG13 H N N 151 
ILE HG21 H N N 152 
ILE HG22 H N N 153 
ILE HG23 H N N 154 
ILE HD11 H N N 155 
ILE HD12 H N N 156 
ILE HD13 H N N 157 
ILE HXT  H N N 158 
LEU N    N N N 159 
LEU CA   C N S 160 
LEU C    C N N 161 
LEU O    O N N 162 
LEU CB   C N N 163 
LEU CG   C N N 164 
LEU CD1  C N N 165 
LEU CD2  C N N 166 
LEU OXT  O N N 167 
LEU H    H N N 168 
LEU H2   H N N 169 
LEU HA   H N N 170 
LEU HB2  H N N 171 
LEU HB3  H N N 172 
LEU HG   H N N 173 
LEU HD11 H N N 174 
LEU HD12 H N N 175 
LEU HD13 H N N 176 
LEU HD21 H N N 177 
LEU HD22 H N N 178 
LEU HD23 H N N 179 
LEU HXT  H N N 180 
LYS N    N N N 181 
LYS CA   C N S 182 
LYS C    C N N 183 
LYS O    O N N 184 
LYS CB   C N N 185 
LYS CG   C N N 186 
LYS CD   C N N 187 
LYS CE   C N N 188 
LYS NZ   N N N 189 
LYS OXT  O N N 190 
LYS H    H N N 191 
LYS H2   H N N 192 
LYS HA   H N N 193 
LYS HB2  H N N 194 
LYS HB3  H N N 195 
LYS HG2  H N N 196 
LYS HG3  H N N 197 
LYS HD2  H N N 198 
LYS HD3  H N N 199 
LYS HE2  H N N 200 
LYS HE3  H N N 201 
LYS HZ1  H N N 202 
LYS HZ2  H N N 203 
LYS HZ3  H N N 204 
LYS HXT  H N N 205 
MET N    N N N 206 
MET CA   C N S 207 
MET C    C N N 208 
MET O    O N N 209 
MET CB   C N N 210 
MET CG   C N N 211 
MET SD   S N N 212 
MET CE   C N N 213 
MET OXT  O N N 214 
MET H    H N N 215 
MET H2   H N N 216 
MET HA   H N N 217 
MET HB2  H N N 218 
MET HB3  H N N 219 
MET HG2  H N N 220 
MET HG3  H N N 221 
MET HE1  H N N 222 
MET HE2  H N N 223 
MET HE3  H N N 224 
MET HXT  H N N 225 
PHE N    N N N 226 
PHE CA   C N S 227 
PHE C    C N N 228 
PHE O    O N N 229 
PHE CB   C N N 230 
PHE CG   C Y N 231 
PHE CD1  C Y N 232 
PHE CD2  C Y N 233 
PHE CE1  C Y N 234 
PHE CE2  C Y N 235 
PHE CZ   C Y N 236 
PHE OXT  O N N 237 
PHE H    H N N 238 
PHE H2   H N N 239 
PHE HA   H N N 240 
PHE HB2  H N N 241 
PHE HB3  H N N 242 
PHE HD1  H N N 243 
PHE HD2  H N N 244 
PHE HE1  H N N 245 
PHE HE2  H N N 246 
PHE HZ   H N N 247 
PHE HXT  H N N 248 
PRO N    N N N 249 
PRO CA   C N S 250 
PRO C    C N N 251 
PRO O    O N N 252 
PRO CB   C N N 253 
PRO CG   C N N 254 
PRO CD   C N N 255 
PRO OXT  O N N 256 
PRO H    H N N 257 
PRO HA   H N N 258 
PRO HB2  H N N 259 
PRO HB3  H N N 260 
PRO HG2  H N N 261 
PRO HG3  H N N 262 
PRO HD2  H N N 263 
PRO HD3  H N N 264 
PRO HXT  H N N 265 
SER N    N N N 266 
SER CA   C N S 267 
SER C    C N N 268 
SER O    O N N 269 
SER CB   C N N 270 
SER OG   O N N 271 
SER OXT  O N N 272 
SER H    H N N 273 
SER H2   H N N 274 
SER HA   H N N 275 
SER HB2  H N N 276 
SER HB3  H N N 277 
SER HG   H N N 278 
SER HXT  H N N 279 
THR N    N N N 280 
THR CA   C N S 281 
THR C    C N N 282 
THR O    O N N 283 
THR CB   C N R 284 
THR OG1  O N N 285 
THR CG2  C N N 286 
THR OXT  O N N 287 
THR H    H N N 288 
THR H2   H N N 289 
THR HA   H N N 290 
THR HB   H N N 291 
THR HG1  H N N 292 
THR HG21 H N N 293 
THR HG22 H N N 294 
THR HG23 H N N 295 
THR HXT  H N N 296 
TRP N    N N N 297 
TRP CA   C N S 298 
TRP C    C N N 299 
TRP O    O N N 300 
TRP CB   C N N 301 
TRP CG   C Y N 302 
TRP CD1  C Y N 303 
TRP CD2  C Y N 304 
TRP NE1  N Y N 305 
TRP CE2  C Y N 306 
TRP CE3  C Y N 307 
TRP CZ2  C Y N 308 
TRP CZ3  C Y N 309 
TRP CH2  C Y N 310 
TRP OXT  O N N 311 
TRP H    H N N 312 
TRP H2   H N N 313 
TRP HA   H N N 314 
TRP HB2  H N N 315 
TRP HB3  H N N 316 
TRP HD1  H N N 317 
TRP HE1  H N N 318 
TRP HE3  H N N 319 
TRP HZ2  H N N 320 
TRP HZ3  H N N 321 
TRP HH2  H N N 322 
TRP HXT  H N N 323 
TYR N    N N N 324 
TYR CA   C N S 325 
TYR C    C N N 326 
TYR O    O N N 327 
TYR CB   C N N 328 
TYR CG   C Y N 329 
TYR CD1  C Y N 330 
TYR CD2  C Y N 331 
TYR CE1  C Y N 332 
TYR CE2  C Y N 333 
TYR CZ   C Y N 334 
TYR OH   O N N 335 
TYR OXT  O N N 336 
TYR H    H N N 337 
TYR H2   H N N 338 
TYR HA   H N N 339 
TYR HB2  H N N 340 
TYR HB3  H N N 341 
TYR HD1  H N N 342 
TYR HD2  H N N 343 
TYR HE1  H N N 344 
TYR HE2  H N N 345 
TYR HH   H N N 346 
TYR HXT  H N N 347 
VAL N    N N N 348 
VAL CA   C N S 349 
VAL C    C N N 350 
VAL O    O N N 351 
VAL CB   C N N 352 
VAL CG1  C N N 353 
VAL CG2  C N N 354 
VAL OXT  O N N 355 
VAL H    H N N 356 
VAL H2   H N N 357 
VAL HA   H N N 358 
VAL HB   H N N 359 
VAL HG11 H N N 360 
VAL HG12 H N N 361 
VAL HG13 H N N 362 
VAL HG21 H N N 363 
VAL HG22 H N N 364 
VAL HG23 H N N 365 
VAL HXT  H N N 366 
# 
loop_
_chem_comp_bond.comp_id 
_chem_comp_bond.atom_id_1 
_chem_comp_bond.atom_id_2 
_chem_comp_bond.value_order 
_chem_comp_bond.pdbx_aromatic_flag 
_chem_comp_bond.pdbx_stereo_config 
_chem_comp_bond.pdbx_ordinal 
ALA N   CA   sing N N 1   
ALA N   H    sing N N 2   
ALA N   H2   sing N N 3   
ALA CA  C    sing N N 4   
ALA CA  CB   sing N N 5   
ALA CA  HA   sing N N 6   
ALA C   O    doub N N 7   
ALA C   OXT  sing N N 8   
ALA CB  HB1  sing N N 9   
ALA CB  HB2  sing N N 10  
ALA CB  HB3  sing N N 11  
ALA OXT HXT  sing N N 12  
ARG N   CA   sing N N 13  
ARG N   H    sing N N 14  
ARG N   H2   sing N N 15  
ARG CA  C    sing N N 16  
ARG CA  CB   sing N N 17  
ARG CA  HA   sing N N 18  
ARG C   O    doub N N 19  
ARG C   OXT  sing N N 20  
ARG CB  CG   sing N N 21  
ARG CB  HB2  sing N N 22  
ARG CB  HB3  sing N N 23  
ARG CG  CD   sing N N 24  
ARG CG  HG2  sing N N 25  
ARG CG  HG3  sing N N 26  
ARG CD  NE   sing N N 27  
ARG CD  HD2  sing N N 28  
ARG CD  HD3  sing N N 29  
ARG NE  CZ   sing N N 30  
ARG NE  HE   sing N N 31  
ARG CZ  NH1  sing N N 32  
ARG CZ  NH2  doub N N 33  
ARG NH1 HH11 sing N N 34  
ARG NH1 HH12 sing N N 35  
ARG NH2 HH21 sing N N 36  
ARG NH2 HH22 sing N N 37  
ARG OXT HXT  sing N N 38  
ASN N   CA   sing N N 39  
ASN N   H    sing N N 40  
ASN N   H2   sing N N 41  
ASN CA  C    sing N N 42  
ASN CA  CB   sing N N 43  
ASN CA  HA   sing N N 44  
ASN C   O    doub N N 45  
ASN C   OXT  sing N N 46  
ASN CB  CG   sing N N 47  
ASN CB  HB2  sing N N 48  
ASN CB  HB3  sing N N 49  
ASN CG  OD1  doub N N 50  
ASN CG  ND2  sing N N 51  
ASN ND2 HD21 sing N N 52  
ASN ND2 HD22 sing N N 53  
ASN OXT HXT  sing N N 54  
ASP N   CA   sing N N 55  
ASP N   H    sing N N 56  
ASP N   H2   sing N N 57  
ASP CA  C    sing N N 58  
ASP CA  CB   sing N N 59  
ASP CA  HA   sing N N 60  
ASP C   O    doub N N 61  
ASP C   OXT  sing N N 62  
ASP CB  CG   sing N N 63  
ASP CB  HB2  sing N N 64  
ASP CB  HB3  sing N N 65  
ASP CG  OD1  doub N N 66  
ASP CG  OD2  sing N N 67  
ASP OD2 HD2  sing N N 68  
ASP OXT HXT  sing N N 69  
CYS N   CA   sing N N 70  
CYS N   H    sing N N 71  
CYS N   H2   sing N N 72  
CYS CA  C    sing N N 73  
CYS CA  CB   sing N N 74  
CYS CA  HA   sing N N 75  
CYS C   O    doub N N 76  
CYS C   OXT  sing N N 77  
CYS CB  SG   sing N N 78  
CYS CB  HB2  sing N N 79  
CYS CB  HB3  sing N N 80  
CYS SG  HG   sing N N 81  
CYS OXT HXT  sing N N 82  
GLN N   CA   sing N N 83  
GLN N   H    sing N N 84  
GLN N   H2   sing N N 85  
GLN CA  C    sing N N 86  
GLN CA  CB   sing N N 87  
GLN CA  HA   sing N N 88  
GLN C   O    doub N N 89  
GLN C   OXT  sing N N 90  
GLN CB  CG   sing N N 91  
GLN CB  HB2  sing N N 92  
GLN CB  HB3  sing N N 93  
GLN CG  CD   sing N N 94  
GLN CG  HG2  sing N N 95  
GLN CG  HG3  sing N N 96  
GLN CD  OE1  doub N N 97  
GLN CD  NE2  sing N N 98  
GLN NE2 HE21 sing N N 99  
GLN NE2 HE22 sing N N 100 
GLN OXT HXT  sing N N 101 
GLU N   CA   sing N N 102 
GLU N   H    sing N N 103 
GLU N   H2   sing N N 104 
GLU CA  C    sing N N 105 
GLU CA  CB   sing N N 106 
GLU CA  HA   sing N N 107 
GLU C   O    doub N N 108 
GLU C   OXT  sing N N 109 
GLU CB  CG   sing N N 110 
GLU CB  HB2  sing N N 111 
GLU CB  HB3  sing N N 112 
GLU CG  CD   sing N N 113 
GLU CG  HG2  sing N N 114 
GLU CG  HG3  sing N N 115 
GLU CD  OE1  doub N N 116 
GLU CD  OE2  sing N N 117 
GLU OE2 HE2  sing N N 118 
GLU OXT HXT  sing N N 119 
GLY N   CA   sing N N 120 
GLY N   H    sing N N 121 
GLY N   H2   sing N N 122 
GLY CA  C    sing N N 123 
GLY CA  HA2  sing N N 124 
GLY CA  HA3  sing N N 125 
GLY C   O    doub N N 126 
GLY C   OXT  sing N N 127 
GLY OXT HXT  sing N N 128 
ILE N   CA   sing N N 129 
ILE N   H    sing N N 130 
ILE N   H2   sing N N 131 
ILE CA  C    sing N N 132 
ILE CA  CB   sing N N 133 
ILE CA  HA   sing N N 134 
ILE C   O    doub N N 135 
ILE C   OXT  sing N N 136 
ILE CB  CG1  sing N N 137 
ILE CB  CG2  sing N N 138 
ILE CB  HB   sing N N 139 
ILE CG1 CD1  sing N N 140 
ILE CG1 HG12 sing N N 141 
ILE CG1 HG13 sing N N 142 
ILE CG2 HG21 sing N N 143 
ILE CG2 HG22 sing N N 144 
ILE CG2 HG23 sing N N 145 
ILE CD1 HD11 sing N N 146 
ILE CD1 HD12 sing N N 147 
ILE CD1 HD13 sing N N 148 
ILE OXT HXT  sing N N 149 
LEU N   CA   sing N N 150 
LEU N   H    sing N N 151 
LEU N   H2   sing N N 152 
LEU CA  C    sing N N 153 
LEU CA  CB   sing N N 154 
LEU CA  HA   sing N N 155 
LEU C   O    doub N N 156 
LEU C   OXT  sing N N 157 
LEU CB  CG   sing N N 158 
LEU CB  HB2  sing N N 159 
LEU CB  HB3  sing N N 160 
LEU CG  CD1  sing N N 161 
LEU CG  CD2  sing N N 162 
LEU CG  HG   sing N N 163 
LEU CD1 HD11 sing N N 164 
LEU CD1 HD12 sing N N 165 
LEU CD1 HD13 sing N N 166 
LEU CD2 HD21 sing N N 167 
LEU CD2 HD22 sing N N 168 
LEU CD2 HD23 sing N N 169 
LEU OXT HXT  sing N N 170 
LYS N   CA   sing N N 171 
LYS N   H    sing N N 172 
LYS N   H2   sing N N 173 
LYS CA  C    sing N N 174 
LYS CA  CB   sing N N 175 
LYS CA  HA   sing N N 176 
LYS C   O    doub N N 177 
LYS C   OXT  sing N N 178 
LYS CB  CG   sing N N 179 
LYS CB  HB2  sing N N 180 
LYS CB  HB3  sing N N 181 
LYS CG  CD   sing N N 182 
LYS CG  HG2  sing N N 183 
LYS CG  HG3  sing N N 184 
LYS CD  CE   sing N N 185 
LYS CD  HD2  sing N N 186 
LYS CD  HD3  sing N N 187 
LYS CE  NZ   sing N N 188 
LYS CE  HE2  sing N N 189 
LYS CE  HE3  sing N N 190 
LYS NZ  HZ1  sing N N 191 
LYS NZ  HZ2  sing N N 192 
LYS NZ  HZ3  sing N N 193 
LYS OXT HXT  sing N N 194 
MET N   CA   sing N N 195 
MET N   H    sing N N 196 
MET N   H2   sing N N 197 
MET CA  C    sing N N 198 
MET CA  CB   sing N N 199 
MET CA  HA   sing N N 200 
MET C   O    doub N N 201 
MET C   OXT  sing N N 202 
MET CB  CG   sing N N 203 
MET CB  HB2  sing N N 204 
MET CB  HB3  sing N N 205 
MET CG  SD   sing N N 206 
MET CG  HG2  sing N N 207 
MET CG  HG3  sing N N 208 
MET SD  CE   sing N N 209 
MET CE  HE1  sing N N 210 
MET CE  HE2  sing N N 211 
MET CE  HE3  sing N N 212 
MET OXT HXT  sing N N 213 
PHE N   CA   sing N N 214 
PHE N   H    sing N N 215 
PHE N   H2   sing N N 216 
PHE CA  C    sing N N 217 
PHE CA  CB   sing N N 218 
PHE CA  HA   sing N N 219 
PHE C   O    doub N N 220 
PHE C   OXT  sing N N 221 
PHE CB  CG   sing N N 222 
PHE CB  HB2  sing N N 223 
PHE CB  HB3  sing N N 224 
PHE CG  CD1  doub Y N 225 
PHE CG  CD2  sing Y N 226 
PHE CD1 CE1  sing Y N 227 
PHE CD1 HD1  sing N N 228 
PHE CD2 CE2  doub Y N 229 
PHE CD2 HD2  sing N N 230 
PHE CE1 CZ   doub Y N 231 
PHE CE1 HE1  sing N N 232 
PHE CE2 CZ   sing Y N 233 
PHE CE2 HE2  sing N N 234 
PHE CZ  HZ   sing N N 235 
PHE OXT HXT  sing N N 236 
PRO N   CA   sing N N 237 
PRO N   CD   sing N N 238 
PRO N   H    sing N N 239 
PRO CA  C    sing N N 240 
PRO CA  CB   sing N N 241 
PRO CA  HA   sing N N 242 
PRO C   O    doub N N 243 
PRO C   OXT  sing N N 244 
PRO CB  CG   sing N N 245 
PRO CB  HB2  sing N N 246 
PRO CB  HB3  sing N N 247 
PRO CG  CD   sing N N 248 
PRO CG  HG2  sing N N 249 
PRO CG  HG3  sing N N 250 
PRO CD  HD2  sing N N 251 
PRO CD  HD3  sing N N 252 
PRO OXT HXT  sing N N 253 
SER N   CA   sing N N 254 
SER N   H    sing N N 255 
SER N   H2   sing N N 256 
SER CA  C    sing N N 257 
SER CA  CB   sing N N 258 
SER CA  HA   sing N N 259 
SER C   O    doub N N 260 
SER C   OXT  sing N N 261 
SER CB  OG   sing N N 262 
SER CB  HB2  sing N N 263 
SER CB  HB3  sing N N 264 
SER OG  HG   sing N N 265 
SER OXT HXT  sing N N 266 
THR N   CA   sing N N 267 
THR N   H    sing N N 268 
THR N   H2   sing N N 269 
THR CA  C    sing N N 270 
THR CA  CB   sing N N 271 
THR CA  HA   sing N N 272 
THR C   O    doub N N 273 
THR C   OXT  sing N N 274 
THR CB  OG1  sing N N 275 
THR CB  CG2  sing N N 276 
THR CB  HB   sing N N 277 
THR OG1 HG1  sing N N 278 
THR CG2 HG21 sing N N 279 
THR CG2 HG22 sing N N 280 
THR CG2 HG23 sing N N 281 
THR OXT HXT  sing N N 282 
TRP N   CA   sing N N 283 
TRP N   H    sing N N 284 
TRP N   H2   sing N N 285 
TRP CA  C    sing N N 286 
TRP CA  CB   sing N N 287 
TRP CA  HA   sing N N 288 
TRP C   O    doub N N 289 
TRP C   OXT  sing N N 290 
TRP CB  CG   sing N N 291 
TRP CB  HB2  sing N N 292 
TRP CB  HB3  sing N N 293 
TRP CG  CD1  doub Y N 294 
TRP CG  CD2  sing Y N 295 
TRP CD1 NE1  sing Y N 296 
TRP CD1 HD1  sing N N 297 
TRP CD2 CE2  doub Y N 298 
TRP CD2 CE3  sing Y N 299 
TRP NE1 CE2  sing Y N 300 
TRP NE1 HE1  sing N N 301 
TRP CE2 CZ2  sing Y N 302 
TRP CE3 CZ3  doub Y N 303 
TRP CE3 HE3  sing N N 304 
TRP CZ2 CH2  doub Y N 305 
TRP CZ2 HZ2  sing N N 306 
TRP CZ3 CH2  sing Y N 307 
TRP CZ3 HZ3  sing N N 308 
TRP CH2 HH2  sing N N 309 
TRP OXT HXT  sing N N 310 
TYR N   CA   sing N N 311 
TYR N   H    sing N N 312 
TYR N   H2   sing N N 313 
TYR CA  C    sing N N 314 
TYR CA  CB   sing N N 315 
TYR CA  HA   sing N N 316 
TYR C   O    doub N N 317 
TYR C   OXT  sing N N 318 
TYR CB  CG   sing N N 319 
TYR CB  HB2  sing N N 320 
TYR CB  HB3  sing N N 321 
TYR CG  CD1  doub Y N 322 
TYR CG  CD2  sing Y N 323 
TYR CD1 CE1  sing Y N 324 
TYR CD1 HD1  sing N N 325 
TYR CD2 CE2  doub Y N 326 
TYR CD2 HD2  sing N N 327 
TYR CE1 CZ   doub Y N 328 
TYR CE1 HE1  sing N N 329 
TYR CE2 CZ   sing Y N 330 
TYR CE2 HE2  sing N N 331 
TYR CZ  OH   sing N N 332 
TYR OH  HH   sing N N 333 
TYR OXT HXT  sing N N 334 
VAL N   CA   sing N N 335 
VAL N   H    sing N N 336 
VAL N   H2   sing N N 337 
VAL CA  C    sing N N 338 
VAL CA  CB   sing N N 339 
VAL CA  HA   sing N N 340 
VAL C   O    doub N N 341 
VAL C   OXT  sing N N 342 
VAL CB  CG1  sing N N 343 
VAL CB  CG2  sing N N 344 
VAL CB  HB   sing N N 345 
VAL CG1 HG11 sing N N 346 
VAL CG1 HG12 sing N N 347 
VAL CG1 HG13 sing N N 348 
VAL CG2 HG21 sing N N 349 
VAL CG2 HG22 sing N N 350 
VAL CG2 HG23 sing N N 351 
VAL OXT HXT  sing N N 352 
# 
_atom_sites.entry_id                    4L1H 
_atom_sites.fract_transf_matrix[1][1]   -0.00597887 
_atom_sites.fract_transf_matrix[1][2]   0.00498856 
_atom_sites.fract_transf_matrix[1][3]   0.01072071 
_atom_sites.fract_transf_matrix[2][1]   -0.01070252 
_atom_sites.fract_transf_matrix[2][2]   0.00769382 
_atom_sites.fract_transf_matrix[2][3]   -0.00136020 
_atom_sites.fract_transf_matrix[3][1]   -0.00800190 
_atom_sites.fract_transf_matrix[3][2]   -0.01101398 
_atom_sites.fract_transf_matrix[3][3]   0.00066241 
_atom_sites.fract_transf_vector[1]      -0.147735 
_atom_sites.fract_transf_vector[2]      0.455993 
_atom_sites.fract_transf_vector[3]      0.316031 
# 
loop_
_atom_type.symbol 
C 
N 
O 
S 
# 
loop_
_atom_site.group_PDB 
_atom_site.id 
_atom_site.type_symbol 
_atom_site.label_atom_id 
_atom_site.label_alt_id 
_atom_site.label_comp_id 
_atom_site.label_asym_id 
_atom_site.label_entity_id 
_atom_site.label_seq_id 
_atom_site.pdbx_PDB_ins_code 
_atom_site.Cartn_x 
_atom_site.Cartn_y 
_atom_site.Cartn_z 
_atom_site.occupancy 
_atom_site.B_iso_or_equiv 
_atom_site.pdbx_formal_charge 
_atom_site.auth_seq_id 
_atom_site.auth_comp_id 
_atom_site.auth_asym_id 
_atom_site.auth_atom_id 
_atom_site.pdbx_PDB_model_num 
ATOM 1   N N   . ASP A 1 1   ? 9.036   13.350  13.645  1.00 48.76 ? 1   ASP A N   1 
ATOM 2   C CA  . ASP A 1 1   ? 8.049   12.531  12.960  1.00 45.98 ? 1   ASP A CA  1 
ATOM 3   C C   . ASP A 1 1   ? 8.509   11.902  11.657  1.00 39.40 ? 1   ASP A C   1 
ATOM 4   O O   . ASP A 1 1   ? 9.171   12.475  10.795  1.00 41.12 ? 1   ASP A O   1 
ATOM 5   C CB  . ASP A 1 1   ? 6.748   13.302  12.722  1.00 46.22 ? 1   ASP A CB  1 
ATOM 6   C CG  . ASP A 1 1   ? 5.856   13.332  13.945  1.00 46.97 ? 1   ASP A CG  1 
ATOM 7   O OD1 . ASP A 1 1   ? 6.367   13.112  15.062  1.00 46.93 ? 1   ASP A OD1 1 
ATOM 8   O OD2 . ASP A 1 1   ? 4.641   13.572  13.781  1.00 43.79 ? 1   ASP A OD2 1 
ATOM 9   N N   . ILE A 1 2   ? 8.134   10.623  11.484  1.00 26.87 ? 2   ILE A N   1 
ATOM 10  C CA  . ILE A 1 2   ? 8.471   10.036  10.203  1.00 25.75 ? 2   ILE A CA  1 
ATOM 11  C C   . ILE A 1 2   ? 7.336   10.343  9.217   1.00 32.67 ? 2   ILE A C   1 
ATOM 12  O O   . ILE A 1 2   ? 6.162   10.063  9.500   1.00 31.41 ? 2   ILE A O   1 
ATOM 13  C CB  . ILE A 1 2   ? 8.685   8.526   10.327  1.00 26.22 ? 2   ILE A CB  1 
ATOM 14  C CG1 . ILE A 1 2   ? 9.713   8.136   11.389  1.00 24.99 ? 2   ILE A CG1 1 
ATOM 15  C CG2 . ILE A 1 2   ? 8.922   7.890   8.979   1.00 19.58 ? 2   ILE A CG2 1 
ATOM 16  C CD1 . ILE A 1 2   ? 10.004  6.673   11.562  1.00 24.70 ? 2   ILE A CD1 1 
ATOM 17  N N   . GLN A 1 3   ? 7.710   10.905  8.078   1.00 27.43 ? 3   GLN A N   1 
ATOM 18  C CA  . GLN A 1 3   ? 6.808   11.248  6.995   1.00 27.26 ? 3   GLN A CA  1 
ATOM 19  C C   . GLN A 1 3   ? 6.827   10.165  5.921   1.00 25.24 ? 3   GLN A C   1 
ATOM 20  O O   . GLN A 1 3   ? 7.892   9.796   5.415   1.00 27.55 ? 3   GLN A O   1 
ATOM 21  C CB  . GLN A 1 3   ? 7.248   12.543  6.285   1.00 35.88 ? 3   GLN A CB  1 
ATOM 22  C CG  . GLN A 1 3   ? 7.698   13.636  7.247   1.00 44.35 ? 3   GLN A CG  1 
ATOM 23  C CD  . GLN A 1 3   ? 6.532   14.078  8.108   1.00 52.83 ? 3   GLN A CD  1 
ATOM 24  O OE1 . GLN A 1 3   ? 6.738   14.693  9.156   1.00 72.57 ? 3   GLN A OE1 1 
ATOM 25  N NE2 . GLN A 1 3   ? 5.332   13.728  7.660   1.00 54.14 ? 3   GLN A NE2 1 
ATOM 26  N N   . MET A 1 4   ? 5.618   9.763   5.525   1.00 19.46 ? 4   MET A N   1 
ATOM 27  C CA  . MET A 1 4   ? 5.468   8.757   4.504   1.00 20.06 ? 4   MET A CA  1 
ATOM 28  C C   . MET A 1 4   ? 4.865   9.446   3.274   1.00 25.64 ? 4   MET A C   1 
ATOM 29  O O   . MET A 1 4   ? 3.847   10.115  3.371   1.00 28.55 ? 4   MET A O   1 
ATOM 30  C CB  . MET A 1 4   ? 4.586   7.595   4.960   1.00 24.05 ? 4   MET A CB  1 
ATOM 31  C CG  . MET A 1 4   ? 5.007   7.044   6.325   1.00 26.23 ? 4   MET A CG  1 
ATOM 32  S SD  . MET A 1 4   ? 6.662   6.305   6.251   1.00 24.74 ? 4   MET A SD  1 
ATOM 33  C CE  . MET A 1 4   ? 6.518   5.095   4.983   1.00 24.71 ? 4   MET A CE  1 
ATOM 34  N N   . THR A 1 5   ? 5.590   9.321   2.181   1.00 24.77 ? 5   THR A N   1 
ATOM 35  C CA  . THR A 1 5   ? 5.219   9.929   0.912   1.00 26.20 ? 5   THR A CA  1 
ATOM 36  C C   . THR A 1 5   ? 4.800   8.847   -0.069  1.00 24.06 ? 5   THR A C   1 
ATOM 37  O O   . THR A 1 5   ? 5.590   7.987   -0.461  1.00 27.84 ? 5   THR A O   1 
ATOM 38  C CB  . THR A 1 5   ? 6.460   10.568  0.247   1.00 26.45 ? 5   THR A CB  1 
ATOM 39  O OG1 . THR A 1 5   ? 6.935   11.674  0.989   1.00 31.27 ? 5   THR A OG1 1 
ATOM 40  C CG2 . THR A 1 5   ? 5.995   11.077  -1.113  1.00 43.33 ? 5   THR A CG2 1 
ATOM 41  N N   . GLN A 1 6   ? 3.564   8.938   -0.534  1.00 23.58 ? 6   GLN A N   1 
ATOM 42  C CA  . GLN A 1 6   ? 3.128   7.848   -1.409  1.00 20.63 ? 6   GLN A CA  1 
ATOM 43  C C   . GLN A 1 6   ? 2.957   8.435   -2.801  1.00 23.08 ? 6   GLN A C   1 
ATOM 44  O O   . GLN A 1 6   ? 2.498   9.576   -2.860  1.00 23.16 ? 6   GLN A O   1 
ATOM 45  C CB  . GLN A 1 6   ? 1.736   7.406   -0.924  1.00 26.12 ? 6   GLN A CB  1 
ATOM 46  C CG  . GLN A 1 6   ? 1.516   5.951   -0.673  1.00 32.92 ? 6   GLN A CG  1 
ATOM 47  C CD  . GLN A 1 6   ? 0.154   5.645   -0.067  1.00 25.55 ? 6   GLN A CD  1 
ATOM 48  O OE1 . GLN A 1 6   ? -0.100  5.948   1.104   1.00 23.19 ? 6   GLN A OE1 1 
ATOM 49  N NE2 . GLN A 1 6   ? -0.682  5.047   -0.890  1.00 25.55 ? 6   GLN A NE2 1 
ATOM 50  N N   . SER A 1 7   ? 3.210   7.571   -3.757  1.00 21.14 ? 7   SER A N   1 
ATOM 51  C CA  . SER A 1 7   ? 2.890   8.020   -5.127  1.00 25.26 ? 7   SER A CA  1 
ATOM 52  C C   . SER A 1 7   ? 2.376   6.839   -5.931  1.00 26.14 ? 7   SER A C   1 
ATOM 53  O O   . SER A 1 7   ? 2.833   5.708   -5.765  1.00 24.35 ? 7   SER A O   1 
ATOM 54  C CB  . SER A 1 7   ? 4.135   8.584   -5.801  1.00 29.67 ? 7   SER A CB  1 
ATOM 55  O OG  . SER A 1 7   ? 3.710   9.177   -7.029  1.00 37.78 ? 7   SER A OG  1 
ATOM 56  N N   . PRO A 1 8   ? 1.432   7.059   -6.836  1.00 25.79 ? 8   PRO A N   1 
ATOM 57  C CA  . PRO A 1 8   ? 0.845   8.373   -7.102  1.00 26.24 ? 8   PRO A CA  1 
ATOM 58  C C   . PRO A 1 8   ? -0.316  8.647   -6.148  1.00 25.97 ? 8   PRO A C   1 
ATOM 59  O O   . PRO A 1 8   ? -0.679  7.722   -5.426  1.00 27.98 ? 8   PRO A O   1 
ATOM 60  C CB  . PRO A 1 8   ? 0.279   8.191   -8.510  1.00 25.44 ? 8   PRO A CB  1 
ATOM 61  C CG  . PRO A 1 8   ? -0.025  6.745   -8.657  1.00 25.00 ? 8   PRO A CG  1 
ATOM 62  C CD  . PRO A 1 8   ? 0.875   6.001   -7.705  1.00 26.52 ? 8   PRO A CD  1 
ATOM 63  N N   . SER A 1 9   ? -0.924  9.825   -6.269  1.00 22.97 ? 9   SER A N   1 
ATOM 64  C CA  . SER A 1 9   ? -2.059  10.193  -5.441  1.00 21.01 ? 9   SER A CA  1 
ATOM 65  C C   . SER A 1 9   ? -3.309  9.491   -5.941  1.00 25.51 ? 9   SER A C   1 
ATOM 66  O O   . SER A 1 9   ? -4.258  9.201   -5.226  1.00 24.19 ? 9   SER A O   1 
ATOM 67  C CB  . SER A 1 9   ? -2.310  11.691  -5.354  1.00 27.21 ? 9   SER A CB  1 
ATOM 68  O OG  . SER A 1 9   ? -2.655  12.334  -6.560  1.00 33.07 ? 9   SER A OG  1 
ATOM 69  N N   . SER A 1 10  ? -3.276  9.268   -7.265  1.00 21.35 ? 10  SER A N   1 
ATOM 70  C CA  . SER A 1 10  ? -4.388  8.551   -7.852  1.00 18.58 ? 10  SER A CA  1 
ATOM 71  C C   . SER A 1 10  ? -3.923  7.983   -9.198  1.00 17.78 ? 10  SER A C   1 
ATOM 72  O O   . SER A 1 10  ? -2.944  8.462   -9.759  1.00 17.56 ? 10  SER A O   1 
ATOM 73  C CB  . SER A 1 10  ? -5.660  9.359   -8.013  1.00 26.30 ? 10  SER A CB  1 
ATOM 74  O OG  . SER A 1 10  ? -5.543  10.488  -8.844  1.00 30.61 ? 10  SER A OG  1 
ATOM 75  N N   . LEU A 1 11  ? -4.691  6.985   -9.619  1.00 20.87 ? 11  LEU A N   1 
ATOM 76  C CA  . LEU A 1 11  ? -4.428  6.392   -10.930 1.00 20.04 ? 11  LEU A CA  1 
ATOM 77  C C   . LEU A 1 11  ? -5.658  5.578   -11.343 1.00 21.62 ? 11  LEU A C   1 
ATOM 78  O O   . LEU A 1 11  ? -6.423  5.122   -10.499 1.00 20.27 ? 11  LEU A O   1 
ATOM 79  C CB  . LEU A 1 11  ? -3.177  5.547   -10.957 1.00 20.57 ? 11  LEU A CB  1 
ATOM 80  C CG  . LEU A 1 11  ? -3.180  4.176   -10.304 1.00 26.67 ? 11  LEU A CG  1 
ATOM 81  C CD1 . LEU A 1 11  ? -1.828  3.501   -10.545 1.00 32.79 ? 11  LEU A CD1 1 
ATOM 82  C CD2 . LEU A 1 11  ? -3.384  4.287   -8.796  1.00 28.89 ? 11  LEU A CD2 1 
ATOM 83  N N   . SER A 1 12  ? -5.767  5.448   -12.665 1.00 21.06 ? 12  SER A N   1 
ATOM 84  C CA  . SER A 1 12  ? -6.811  4.669   -13.307 1.00 20.11 ? 12  SER A CA  1 
ATOM 85  C C   . SER A 1 12  ? -6.129  3.542   -14.083 1.00 19.79 ? 12  SER A C   1 
ATOM 86  O O   . SER A 1 12  ? -5.147  3.739   -14.789 1.00 19.04 ? 12  SER A O   1 
ATOM 87  C CB  . SER A 1 12  ? -7.648  5.514   -14.268 1.00 26.66 ? 12  SER A CB  1 
ATOM 88  O OG  . SER A 1 12  ? -8.429  6.444   -13.519 1.00 29.02 ? 12  SER A OG  1 
ATOM 89  N N   . ALA A 1 13  ? -6.686  2.365   -13.870 1.00 21.60 ? 13  ALA A N   1 
ATOM 90  C CA  . ALA A 1 13  ? -6.206  1.167   -14.545 1.00 24.37 ? 13  ALA A CA  1 
ATOM 91  C C   . ALA A 1 13  ? -7.387  0.264   -14.917 1.00 28.43 ? 13  ALA A C   1 
ATOM 92  O O   . ALA A 1 13  ? -8.521  0.452   -14.473 1.00 25.73 ? 13  ALA A O   1 
ATOM 93  C CB  . ALA A 1 13  ? -5.194  0.411   -13.709 1.00 22.33 ? 13  ALA A CB  1 
ATOM 94  N N   . SER A 1 14  ? -7.078  -0.731  -15.751 1.00 27.80 ? 14  SER A N   1 
ATOM 95  C CA  . SER A 1 14  ? -8.088  -1.684  -16.194 1.00 26.70 ? 14  SER A CA  1 
ATOM 96  C C   . SER A 1 14  ? -7.937  -3.017  -15.484 1.00 21.61 ? 14  SER A C   1 
ATOM 97  O O   . SER A 1 14  ? -6.905  -3.419  -14.979 1.00 24.72 ? 14  SER A O   1 
ATOM 98  C CB  . SER A 1 14  ? -7.900  -1.914  -17.708 1.00 31.14 ? 14  SER A CB  1 
ATOM 99  O OG  . SER A 1 14  ? -8.238  -0.750  -18.443 1.00 32.56 ? 14  SER A OG  1 
ATOM 100 N N   . VAL A 1 15  ? -9.061  -3.734  -15.477 1.00 22.03 ? 15  VAL A N   1 
ATOM 101 C CA  . VAL A 1 15  ? -9.011  -5.067  -14.880 1.00 23.54 ? 15  VAL A CA  1 
ATOM 102 C C   . VAL A 1 15  ? -8.006  -5.858  -15.729 1.00 23.99 ? 15  VAL A C   1 
ATOM 103 O O   . VAL A 1 15  ? -8.030  -5.639  -16.939 1.00 25.52 ? 15  VAL A O   1 
ATOM 104 C CB  . VAL A 1 15  ? -10.392 -5.719  -14.984 1.00 28.50 ? 15  VAL A CB  1 
ATOM 105 C CG1 . VAL A 1 15  ? -10.281 -7.213  -14.694 1.00 35.98 ? 15  VAL A CG1 1 
ATOM 106 C CG2 . VAL A 1 15  ? -11.380 -5.047  -14.058 1.00 27.41 ? 15  VAL A CG2 1 
ATOM 107 N N   . GLY A 1 16  ? -7.177  -6.606  -15.063 1.00 25.96 ? 16  GLY A N   1 
ATOM 108 C CA  . GLY A 1 16  ? -6.065  -7.382  -15.508 1.00 28.10 ? 16  GLY A CA  1 
ATOM 109 C C   . GLY A 1 16  ? -4.766  -6.612  -15.625 1.00 28.11 ? 16  GLY A C   1 
ATOM 110 O O   . GLY A 1 16  ? -3.722  -7.194  -15.934 1.00 30.93 ? 16  GLY A O   1 
ATOM 111 N N   . ASP A 1 17  ? -4.806  -5.305  -15.359 1.00 26.30 ? 17  ASP A N   1 
ATOM 112 C CA  . ASP A 1 17  ? -3.573  -4.527  -15.387 1.00 25.20 ? 17  ASP A CA  1 
ATOM 113 C C   . ASP A 1 17  ? -2.783  -4.805  -14.114 1.00 26.04 ? 17  ASP A C   1 
ATOM 114 O O   . ASP A 1 17  ? -3.296  -5.213  -13.082 1.00 27.39 ? 17  ASP A O   1 
ATOM 115 C CB  . ASP A 1 17  ? -3.825  -3.035  -15.491 1.00 29.59 ? 17  ASP A CB  1 
ATOM 116 C CG  . ASP A 1 17  ? -4.197  -2.537  -16.868 1.00 34.83 ? 17  ASP A CG  1 
ATOM 117 O OD1 . ASP A 1 17  ? -4.000  -3.339  -17.803 1.00 38.38 ? 17  ASP A OD1 1 
ATOM 118 O OD2 . ASP A 1 17  ? -4.601  -1.363  -16.994 1.00 34.69 ? 17  ASP A OD2 1 
ATOM 119 N N   . ARG A 1 18  ? -1.483  -4.574  -14.217 1.00 32.08 ? 18  ARG A N   1 
ATOM 120 C CA  . ARG A 1 18  ? -0.548  -4.687  -13.110 1.00 32.74 ? 18  ARG A CA  1 
ATOM 121 C C   . ARG A 1 18  ? -0.321  -3.248  -12.641 1.00 31.76 ? 18  ARG A C   1 
ATOM 122 O O   . ARG A 1 18  ? -0.226  -2.318  -13.450 1.00 25.12 ? 18  ARG A O   1 
ATOM 123 C CB  . ARG A 1 18  ? 0.803   -5.270  -13.508 1.00 40.99 ? 18  ARG A CB  1 
ATOM 124 C CG  . ARG A 1 18  ? 1.946   -4.652  -12.714 1.00 49.67 ? 18  ARG A CG  1 
ATOM 125 C CD  . ARG A 1 18  ? 3.318   -5.033  -13.245 1.00 58.40 ? 18  ARG A CD  1 
ATOM 126 N NE  . ARG A 1 18  ? 3.904   -6.209  -12.621 1.00 62.94 ? 18  ARG A NE  1 
ATOM 127 C CZ  . ARG A 1 18  ? 3.341   -7.072  -11.792 1.00 64.46 ? 18  ARG A CZ  1 
ATOM 128 N NH1 . ARG A 1 18  ? 2.082   -6.946  -11.380 1.00 68.22 ? 18  ARG A NH1 1 
ATOM 129 N NH2 . ARG A 1 18  ? 4.064   -8.090  -11.336 1.00 61.50 ? 18  ARG A NH2 1 
ATOM 130 N N   . VAL A 1 19  ? -0.328  -3.068  -11.327 1.00 28.61 ? 19  VAL A N   1 
ATOM 131 C CA  . VAL A 1 19  ? -0.210  -1.673  -10.860 1.00 27.52 ? 19  VAL A CA  1 
ATOM 132 C C   . VAL A 1 19  ? 0.853   -1.641  -9.790  1.00 23.51 ? 19  VAL A C   1 
ATOM 133 O O   . VAL A 1 19  ? 1.005   -2.607  -9.042  1.00 24.66 ? 19  VAL A O   1 
ATOM 134 C CB  . VAL A 1 19  ? -1.595  -1.194  -10.395 1.00 36.69 ? 19  VAL A CB  1 
ATOM 135 C CG1 . VAL A 1 19  ? -1.606  -0.459  -9.081  1.00 36.32 ? 19  VAL A CG1 1 
ATOM 136 C CG2 . VAL A 1 19  ? -2.243  -0.371  -11.500 1.00 41.09 ? 19  VAL A CG2 1 
ATOM 137 N N   . THR A 1 20  ? 1.562   -0.520  -9.740  1.00 23.22 ? 20  THR A N   1 
ATOM 138 C CA  . THR A 1 20  ? 2.595   -0.348  -8.745  1.00 26.20 ? 20  THR A CA  1 
ATOM 139 C C   . THR A 1 20  ? 2.382   0.953   -7.994  1.00 25.54 ? 20  THR A C   1 
ATOM 140 O O   . THR A 1 20  ? 2.143   2.032   -8.534  1.00 27.50 ? 20  THR A O   1 
ATOM 141 C CB  . THR A 1 20  ? 3.991   -0.409  -9.400  1.00 38.94 ? 20  THR A CB  1 
ATOM 142 O OG1 . THR A 1 20  ? 3.870   -0.059  -10.783 1.00 58.19 ? 20  THR A OG1 1 
ATOM 143 C CG2 . THR A 1 20  ? 4.422   -1.874  -9.425  1.00 37.81 ? 20  THR A CG2 1 
ATOM 144 N N   . ILE A 1 21  ? 2.457   0.847   -6.671  1.00 25.14 ? 21  ILE A N   1 
ATOM 145 C CA  . ILE A 1 21  ? 2.269   2.038   -5.834  1.00 21.42 ? 21  ILE A CA  1 
ATOM 146 C C   . ILE A 1 21  ? 3.493   2.103   -4.942  1.00 21.06 ? 21  ILE A C   1 
ATOM 147 O O   . ILE A 1 21  ? 3.901   1.074   -4.412  1.00 25.06 ? 21  ILE A O   1 
ATOM 148 C CB  . ILE A 1 21  ? 0.971   1.874   -5.046  1.00 25.73 ? 21  ILE A CB  1 
ATOM 149 C CG1 . ILE A 1 21  ? -0.266  2.040   -5.939  1.00 30.00 ? 21  ILE A CG1 1 
ATOM 150 C CG2 . ILE A 1 21  ? 0.855   2.735   -3.805  1.00 31.59 ? 21  ILE A CG2 1 
ATOM 151 C CD1 . ILE A 1 21  ? -1.526  1.596   -5.202  1.00 26.47 ? 21  ILE A CD1 1 
ATOM 152 N N   . THR A 1 22  ? 4.095   3.265   -4.801  1.00 25.74 ? 22  THR A N   1 
ATOM 153 C CA  . THR A 1 22  ? 5.275   3.374   -3.950  1.00 24.11 ? 22  THR A CA  1 
ATOM 154 C C   . THR A 1 22  ? 4.976   4.195   -2.704  1.00 19.33 ? 22  THR A C   1 
ATOM 155 O O   . THR A 1 22  ? 4.102   5.034   -2.601  1.00 22.29 ? 22  THR A O   1 
ATOM 156 C CB  . THR A 1 22  ? 6.502   4.022   -4.621  1.00 26.77 ? 22  THR A CB  1 
ATOM 157 O OG1 . THR A 1 22  ? 6.083   5.291   -5.135  1.00 25.55 ? 22  THR A OG1 1 
ATOM 158 C CG2 . THR A 1 22  ? 6.992   3.172   -5.782  1.00 35.70 ? 22  THR A CG2 1 
ATOM 159 N N   . CYS A 1 23  ? 5.866   3.916   -1.750  1.00 21.90 ? 23  CYS A N   1 
ATOM 160 C CA  . CYS A 1 23  ? 5.852   4.634   -0.486  1.00 20.98 ? 23  CYS A CA  1 
ATOM 161 C C   . CYS A 1 23  ? 7.279   4.902   -0.031  1.00 23.90 ? 23  CYS A C   1 
ATOM 162 O O   . CYS A 1 23  ? 8.086   3.979   -0.019  1.00 25.73 ? 23  CYS A O   1 
ATOM 163 C CB  . CYS A 1 23  ? 5.125   3.722   0.510   1.00 21.82 ? 23  CYS A CB  1 
ATOM 164 S SG  . CYS A 1 23  ? 5.116   4.252   2.222   1.00 29.30 ? 23  CYS A SG  1 
ATOM 165 N N   . ARG A 1 24  ? 7.566   6.152   0.257   1.00 22.62 ? 24  ARG A N   1 
ATOM 166 C CA  . ARG A 1 24  ? 8.897   6.553   0.718   1.00 27.39 ? 24  ARG A CA  1 
ATOM 167 C C   . ARG A 1 24  ? 8.846   7.035   2.158   1.00 23.66 ? 24  ARG A C   1 
ATOM 168 O O   . ARG A 1 24  ? 8.012   7.853   2.527   1.00 26.38 ? 24  ARG A O   1 
ATOM 169 C CB  . ARG A 1 24  ? 9.461   7.653   -0.203  1.00 35.40 ? 24  ARG A CB  1 
ATOM 170 C CG  . ARG A 1 24  ? 10.812  8.163   0.264   1.00 45.69 ? 24  ARG A CG  1 
ATOM 171 C CD  . ARG A 1 24  ? 11.752  8.578   -0.853  1.00 58.22 ? 24  ARG A CD  1 
ATOM 172 N NE  . ARG A 1 24  ? 13.145  8.261   -0.521  1.00 69.28 ? 24  ARG A NE  1 
ATOM 173 C CZ  . ARG A 1 24  ? 14.200  8.388   -1.309  1.00 74.16 ? 24  ARG A CZ  1 
ATOM 174 N NH1 . ARG A 1 24  ? 14.086  8.852   -2.551  1.00 81.68 ? 24  ARG A NH1 1 
ATOM 175 N NH2 . ARG A 1 24  ? 15.392  8.046   -0.834  0.50 75.65 ? 24  ARG A NH2 1 
ATOM 176 N N   . ALA A 1 25  ? 9.729   6.478   2.994   1.00 22.41 ? 25  ALA A N   1 
ATOM 177 C CA  . ALA A 1 25  ? 9.848   6.873   4.369   1.00 21.87 ? 25  ALA A CA  1 
ATOM 178 C C   . ALA A 1 25  ? 10.947  7.938   4.506   1.00 25.68 ? 25  ALA A C   1 
ATOM 179 O O   . ALA A 1 25  ? 11.984  7.784   3.866   1.00 27.55 ? 25  ALA A O   1 
ATOM 180 C CB  . ALA A 1 25  ? 10.143  5.680   5.279   1.00 24.43 ? 25  ALA A CB  1 
ATOM 181 N N   . SER A 1 26  ? 10.699  8.974   5.278   1.00 20.67 ? 26  SER A N   1 
ATOM 182 C CA  . SER A 1 26  ? 11.633  10.059  5.482   1.00 25.20 ? 26  SER A CA  1 
ATOM 183 C C   . SER A 1 26  ? 12.850  9.659   6.314   1.00 29.47 ? 26  SER A C   1 
ATOM 184 O O   . SER A 1 26  ? 13.806  10.441  6.367   1.00 27.22 ? 26  SER A O   1 
ATOM 185 C CB  . SER A 1 26  ? 10.953  11.270  6.123   1.00 24.61 ? 26  SER A CB  1 
ATOM 186 O OG  . SER A 1 26  ? 10.614  10.976  7.469   1.00 23.92 ? 26  SER A OG  1 
ATOM 187 N N   . GLN A 1 27  ? 12.818  8.500   6.937   1.00 28.91 ? 27  GLN A N   1 
ATOM 188 C CA  . GLN A 1 27  ? 13.918  7.945   7.725   1.00 29.30 ? 27  GLN A CA  1 
ATOM 189 C C   . GLN A 1 27  ? 13.813  6.420   7.624   1.00 31.46 ? 27  GLN A C   1 
ATOM 190 O O   . GLN A 1 27  ? 12.748  5.886   7.298   1.00 23.38 ? 27  GLN A O   1 
ATOM 191 C CB  . GLN A 1 27  ? 13.817  8.315   9.203   1.00 32.64 ? 27  GLN A CB  1 
ATOM 192 C CG  . GLN A 1 27  ? 13.672  9.773   9.563   1.00 38.30 ? 27  GLN A CG  1 
ATOM 193 C CD  . GLN A 1 27  ? 13.279  9.927   11.030  1.00 37.39 ? 27  GLN A CD  1 
ATOM 194 O OE1 . GLN A 1 27  ? 12.725  10.944  11.431  1.00 46.67 ? 27  GLN A OE1 1 
ATOM 195 N NE2 . GLN A 1 27  ? 13.581  8.889   11.798  1.00 40.26 ? 27  GLN A NE2 1 
ATOM 196 N N   . ASP A 1 28  ? 14.891  5.735   7.949   1.00 27.84 ? 28  ASP A N   1 
ATOM 197 C CA  . ASP A 1 28  ? 14.971  4.279   7.893   1.00 27.86 ? 28  ASP A CA  1 
ATOM 198 C C   . ASP A 1 28  ? 13.921  3.667   8.820   1.00 24.88 ? 28  ASP A C   1 
ATOM 199 O O   . ASP A 1 28  ? 13.854  4.043   9.985   1.00 26.76 ? 28  ASP A O   1 
ATOM 200 C CB  . ASP A 1 28  ? 16.358  3.806   8.326   1.00 25.54 ? 28  ASP A CB  1 
ATOM 201 C CG  . ASP A 1 28  ? 16.619  2.332   8.235   1.00 29.01 ? 28  ASP A CG  1 
ATOM 202 O OD1 . ASP A 1 28  ? 15.943  1.523   7.571   1.00 26.14 ? 28  ASP A OD1 1 
ATOM 203 O OD2 . ASP A 1 28  ? 17.670  1.909   8.789   1.00 37.34 ? 28  ASP A OD2 1 
ATOM 204 N N   . ILE A 1 29  ? 13.139  2.775   8.238   1.00 26.79 ? 29  ILE A N   1 
ATOM 205 C CA  . ILE A 1 29  ? 12.107  2.111   9.055   1.00 26.14 ? 29  ILE A CA  1 
ATOM 206 C C   . ILE A 1 29  ? 12.239  0.605   8.947   1.00 27.33 ? 29  ILE A C   1 
ATOM 207 O O   . ILE A 1 29  ? 11.335  -0.122  9.354   1.00 23.96 ? 29  ILE A O   1 
ATOM 208 C CB  . ILE A 1 29  ? 10.696  2.532   8.605   1.00 23.29 ? 29  ILE A CB  1 
ATOM 209 C CG1 . ILE A 1 29  ? 10.415  2.198   7.138   1.00 21.82 ? 29  ILE A CG1 1 
ATOM 210 C CG2 . ILE A 1 29  ? 10.448  3.989   8.902   1.00 22.54 ? 29  ILE A CG2 1 
ATOM 211 C CD1 . ILE A 1 29  ? 8.947   2.402   6.767   1.00 26.58 ? 29  ILE A CD1 1 
ATOM 212 N N   . ILE A 1 30  ? 13.393  0.185   8.408   1.00 28.96 ? 30  ILE A N   1 
ATOM 213 C CA  . ILE A 1 30  ? 13.736  -1.219  8.193   1.00 27.77 ? 30  ILE A CA  1 
ATOM 214 C C   . ILE A 1 30  ? 12.632  -1.897  7.395   1.00 29.50 ? 30  ILE A C   1 
ATOM 215 O O   . ILE A 1 30  ? 12.402  -1.505  6.239   1.00 26.87 ? 30  ILE A O   1 
ATOM 216 C CB  . ILE A 1 30  ? 14.069  -1.923  9.515   1.00 29.15 ? 30  ILE A CB  1 
ATOM 217 C CG1 . ILE A 1 30  ? 14.895  -1.089  10.495  1.00 38.00 ? 30  ILE A CG1 1 
ATOM 218 C CG2 . ILE A 1 30  ? 14.767  -3.243  9.239   1.00 35.81 ? 30  ILE A CG2 1 
ATOM 219 C CD1 . ILE A 1 30  ? 15.989  -0.218  9.932   1.00 43.80 ? 30  ILE A CD1 1 
ATOM 220 N N   . LYS A 1 31  ? 11.888  -2.841  7.961   1.00 28.04 ? 31  LYS A N   1 
ATOM 221 C CA  . LYS A 1 31  ? 10.761  -3.450  7.260   1.00 29.32 ? 31  LYS A CA  1 
ATOM 222 C C   . LYS A 1 31  ? 9.441   -3.203  8.016   1.00 26.04 ? 31  LYS A C   1 
ATOM 223 O O   . LYS A 1 31  ? 8.475   -3.920  7.769   1.00 29.10 ? 31  LYS A O   1 
ATOM 224 C CB  . LYS A 1 31  ? 10.962  -4.945  7.019   1.00 33.45 ? 31  LYS A CB  1 
ATOM 225 C CG  . LYS A 1 31  ? 12.121  -5.205  6.067   1.00 38.64 ? 31  LYS A CG  1 
ATOM 226 C CD  . LYS A 1 31  ? 12.196  -6.631  5.561   1.00 42.16 ? 31  LYS A CD  1 
ATOM 227 C CE  . LYS A 1 31  ? 13.492  -6.819  4.771   1.00 51.05 ? 31  LYS A CE  1 
ATOM 228 N NZ  . LYS A 1 31  ? 14.325  -7.934  5.311   1.00 67.67 ? 31  LYS A NZ  1 
ATOM 229 N N   . TYR A 1 32  ? 9.423   -2.215  8.883   1.00 22.40 ? 32  TYR A N   1 
ATOM 230 C CA  . TYR A 1 32  ? 8.241   -1.879  9.665   1.00 27.00 ? 32  TYR A CA  1 
ATOM 231 C C   . TYR A 1 32  ? 7.234   -1.000  8.917   1.00 21.70 ? 32  TYR A C   1 
ATOM 232 O O   . TYR A 1 32  ? 6.975   0.127   9.333   1.00 21.85 ? 32  TYR A O   1 
ATOM 233 C CB  . TYR A 1 32  ? 8.715   -1.100  10.888  1.00 29.50 ? 32  TYR A CB  1 
ATOM 234 C CG  . TYR A 1 32  ? 9.595   -1.971  11.755  1.00 33.39 ? 32  TYR A CG  1 
ATOM 235 C CD1 . TYR A 1 32  ? 9.205   -3.269  12.033  1.00 35.27 ? 32  TYR A CD1 1 
ATOM 236 C CD2 . TYR A 1 32  ? 10.756  -1.448  12.307  1.00 37.75 ? 32  TYR A CD2 1 
ATOM 237 C CE1 . TYR A 1 32  ? 10.011  -4.048  12.847  1.00 44.76 ? 32  TYR A CE1 1 
ATOM 238 C CE2 . TYR A 1 32  ? 11.556  -2.220  13.122  1.00 40.04 ? 32  TYR A CE2 1 
ATOM 239 C CZ  . TYR A 1 32  ? 11.162  -3.513  13.389  1.00 46.26 ? 32  TYR A CZ  1 
ATOM 240 O OH  . TYR A 1 32  ? 11.961  -4.294  14.196  1.00 63.47 ? 32  TYR A OH  1 
ATOM 241 N N   . LEU A 1 33  ? 6.732   -1.606  7.872   1.00 22.70 ? 33  LEU A N   1 
ATOM 242 C CA  . LEU A 1 33  ? 5.813   -1.006  6.923   1.00 23.30 ? 33  LEU A CA  1 
ATOM 243 C C   . LEU A 1 33  ? 4.632   -1.922  6.655   1.00 20.11 ? 33  LEU A C   1 
ATOM 244 O O   . LEU A 1 33  ? 4.763   -3.083  6.288   1.00 23.39 ? 33  LEU A O   1 
ATOM 245 C CB  . LEU A 1 33  ? 6.611   -0.736  5.654   1.00 23.49 ? 33  LEU A CB  1 
ATOM 246 C CG  . LEU A 1 33  ? 6.022   0.139   4.570   1.00 27.77 ? 33  LEU A CG  1 
ATOM 247 C CD1 . LEU A 1 33  ? 4.991   -0.524  3.711   1.00 32.34 ? 33  LEU A CD1 1 
ATOM 248 C CD2 . LEU A 1 33  ? 5.651   1.517   5.042   1.00 25.61 ? 33  LEU A CD2 1 
ATOM 249 N N   . ALA A 1 34  ? 3.434   -1.346  6.745   1.00 21.74 ? 34  ALA A N   1 
ATOM 250 C CA  . ALA A 1 34  ? 2.218   -2.072  6.416   1.00 21.47 ? 34  ALA A CA  1 
ATOM 251 C C   . ALA A 1 34  ? 1.479   -1.405  5.257   1.00 19.16 ? 34  ALA A C   1 
ATOM 252 O O   . ALA A 1 34  ? 1.586   -0.191  5.090   1.00 20.24 ? 34  ALA A O   1 
ATOM 253 C CB  . ALA A 1 34  ? 1.291   -2.053  7.631   1.00 22.00 ? 34  ALA A CB  1 
ATOM 254 N N   . TRP A 1 35  ? 0.745   -2.217  4.501   1.00 18.11 ? 35  TRP A N   1 
ATOM 255 C CA  . TRP A 1 35  ? -0.121  -1.702  3.456   1.00 20.04 ? 35  TRP A CA  1 
ATOM 256 C C   . TRP A 1 35  ? -1.578  -2.047  3.818   1.00 20.19 ? 35  TRP A C   1 
ATOM 257 O O   . TRP A 1 35  ? -1.892  -3.196  4.099   1.00 19.05 ? 35  TRP A O   1 
ATOM 258 C CB  . TRP A 1 35  ? 0.165   -2.276  2.084   1.00 21.29 ? 35  TRP A CB  1 
ATOM 259 C CG  . TRP A 1 35  ? 1.501   -1.866  1.515   1.00 23.64 ? 35  TRP A CG  1 
ATOM 260 C CD1 . TRP A 1 35  ? 2.688   -2.533  1.596   1.00 24.41 ? 35  TRP A CD1 1 
ATOM 261 C CD2 . TRP A 1 35  ? 1.748   -0.677  0.762   1.00 20.22 ? 35  TRP A CD2 1 
ATOM 262 N NE1 . TRP A 1 35  ? 3.667   -1.825  0.939   1.00 21.77 ? 35  TRP A NE1 1 
ATOM 263 C CE2 . TRP A 1 35  ? 3.124   -0.691  0.413   1.00 20.30 ? 35  TRP A CE2 1 
ATOM 264 C CE3 . TRP A 1 35  ? 0.965   0.391   0.333   1.00 19.68 ? 35  TRP A CE3 1 
ATOM 265 C CZ2 . TRP A 1 35  ? 3.688   0.333   -0.332  1.00 20.02 ? 35  TRP A CZ2 1 
ATOM 266 C CZ3 . TRP A 1 35  ? 1.536   1.405   -0.405  1.00 22.09 ? 35  TRP A CZ3 1 
ATOM 267 C CH2 . TRP A 1 35  ? 2.898   1.377   -0.732  1.00 21.68 ? 35  TRP A CH2 1 
ATOM 268 N N   . TYR A 1 36  ? -2.427  -1.050  3.708   1.00 20.95 ? 36  TYR A N   1 
ATOM 269 C CA  . TYR A 1 36  ? -3.861  -1.182  3.947   1.00 17.53 ? 36  TYR A CA  1 
ATOM 270 C C   . TYR A 1 36  ? -4.624  -0.822  2.674   1.00 18.45 ? 36  TYR A C   1 
ATOM 271 O O   . TYR A 1 36  ? -4.208  0.047   1.908   1.00 21.00 ? 36  TYR A O   1 
ATOM 272 C CB  . TYR A 1 36  ? -4.227  -0.157  5.040   1.00 18.16 ? 36  TYR A CB  1 
ATOM 273 C CG  . TYR A 1 36  ? -3.722  -0.550  6.409   1.00 19.79 ? 36  TYR A CG  1 
ATOM 274 C CD1 . TYR A 1 36  ? -2.512  -0.163  6.934   1.00 21.08 ? 36  TYR A CD1 1 
ATOM 275 C CD2 . TYR A 1 36  ? -4.530  -1.372  7.220   1.00 21.61 ? 36  TYR A CD2 1 
ATOM 276 C CE1 . TYR A 1 36  ? -2.072  -0.521  8.206   1.00 20.72 ? 36  TYR A CE1 1 
ATOM 277 C CE2 . TYR A 1 36  ? -4.098  -1.755  8.483   1.00 24.29 ? 36  TYR A CE2 1 
ATOM 278 C CZ  . TYR A 1 36  ? -2.883  -1.328  8.978   1.00 25.67 ? 36  TYR A CZ  1 
ATOM 279 O OH  . TYR A 1 36  ? -2.488  -1.764  10.234  1.00 28.51 ? 36  TYR A OH  1 
ATOM 280 N N   . GLN A 1 37  ? -5.774  -1.450  2.539   1.00 17.95 ? 37  GLN A N   1 
ATOM 281 C CA  . GLN A 1 37  ? -6.790  -1.226  1.539   1.00 18.68 ? 37  GLN A CA  1 
ATOM 282 C C   . GLN A 1 37  ? -8.023  -0.602  2.204   1.00 20.66 ? 37  GLN A C   1 
ATOM 283 O O   . GLN A 1 37  ? -8.452  -1.131  3.213   1.00 20.58 ? 37  GLN A O   1 
ATOM 284 C CB  . GLN A 1 37  ? -7.183  -2.543  0.866   1.00 20.72 ? 37  GLN A CB  1 
ATOM 285 C CG  . GLN A 1 37  ? -8.217  -2.349  -0.233  1.00 20.67 ? 37  GLN A CG  1 
ATOM 286 C CD  . GLN A 1 37  ? -8.731  -3.700  -0.687  1.00 23.03 ? 37  GLN A CD  1 
ATOM 287 O OE1 . GLN A 1 37  ? -9.276  -4.439  0.120   1.00 24.59 ? 37  GLN A OE1 1 
ATOM 288 N NE2 . GLN A 1 37  ? -8.436  -4.056  -1.922  1.00 22.26 ? 37  GLN A NE2 1 
ATOM 289 N N   . GLN A 1 38  ? -8.536  0.504   1.673   1.00 18.05 ? 38  GLN A N   1 
ATOM 290 C CA  . GLN A 1 38  ? -9.742  1.114   2.205   1.00 19.41 ? 38  GLN A CA  1 
ATOM 291 C C   . GLN A 1 38  ? -10.748 1.352   1.091   1.00 19.46 ? 38  GLN A C   1 
ATOM 292 O O   . GLN A 1 38  ? -10.539 2.145   0.170   1.00 18.63 ? 38  GLN A O   1 
ATOM 293 C CB  . GLN A 1 38  ? -9.433  2.444   2.913   1.00 20.56 ? 38  GLN A CB  1 
ATOM 294 C CG  . GLN A 1 38  ? -10.665 3.005   3.616   1.00 19.80 ? 38  GLN A CG  1 
ATOM 295 C CD  . GLN A 1 38  ? -10.332 4.259   4.390   1.00 21.65 ? 38  GLN A CD  1 
ATOM 296 O OE1 . GLN A 1 38  ? -9.466  5.038   3.976   1.00 21.13 ? 38  GLN A OE1 1 
ATOM 297 N NE2 . GLN A 1 38  ? -11.056 4.479   5.487   1.00 21.62 ? 38  GLN A NE2 1 
ATOM 298 N N   . LYS A 1 39  ? -11.857 0.631   1.151   1.00 23.34 ? 39  LYS A N   1 
ATOM 299 C CA  . LYS A 1 39  ? -12.904 0.901   0.152   1.00 25.63 ? 39  LYS A CA  1 
ATOM 300 C C   . LYS A 1 39  ? -13.793 2.030   0.633   1.00 34.08 ? 39  LYS A C   1 
ATOM 301 O O   . LYS A 1 39  ? -13.859 2.345   1.830   1.00 30.27 ? 39  LYS A O   1 
ATOM 302 C CB  . LYS A 1 39  ? -13.644 -0.411  -0.066  1.00 27.58 ? 39  LYS A CB  1 
ATOM 303 C CG  . LYS A 1 39  ? -12.972 -1.295  -1.083  1.00 35.87 ? 39  LYS A CG  1 
ATOM 304 C CD  . LYS A 1 39  ? -12.535 -2.637  -0.553  1.00 42.32 ? 39  LYS A CD  1 
ATOM 305 C CE  . LYS A 1 39  ? -12.550 -3.675  -1.670  1.00 44.47 ? 39  LYS A CE  1 
ATOM 306 N NZ  . LYS A 1 39  ? -12.668 -5.050  -1.104  1.00 55.74 ? 39  LYS A NZ  1 
ATOM 307 N N   . PRO A 1 40  ? -14.519 2.710   -0.257  1.00 39.10 ? 40  PRO A N   1 
ATOM 308 C CA  . PRO A 1 40  ? -15.307 3.862   0.171   1.00 37.15 ? 40  PRO A CA  1 
ATOM 309 C C   . PRO A 1 40  ? -16.352 3.419   1.188   1.00 38.81 ? 40  PRO A C   1 
ATOM 310 O O   . PRO A 1 40  ? -16.919 2.338   1.031   1.00 43.80 ? 40  PRO A O   1 
ATOM 311 C CB  . PRO A 1 40  ? -15.958 4.397   -1.101  1.00 37.52 ? 40  PRO A CB  1 
ATOM 312 C CG  . PRO A 1 40  ? -15.227 3.739   -2.212  1.00 39.92 ? 40  PRO A CG  1 
ATOM 313 C CD  . PRO A 1 40  ? -14.732 2.419   -1.682  1.00 42.08 ? 40  PRO A CD  1 
ATOM 314 N N   . GLY A 1 41  ? -16.509 4.270   2.195   1.00 38.43 ? 41  GLY A N   1 
ATOM 315 C CA  . GLY A 1 41  ? -17.386 4.035   3.311   1.00 36.93 ? 41  GLY A CA  1 
ATOM 316 C C   . GLY A 1 41  ? -16.907 2.964   4.259   1.00 36.07 ? 41  GLY A C   1 
ATOM 317 O O   . GLY A 1 41  ? -17.553 2.594   5.243   1.00 41.97 ? 41  GLY A O   1 
ATOM 318 N N   . LYS A 1 42  ? -15.742 2.366   3.999   1.00 29.12 ? 42  LYS A N   1 
ATOM 319 C CA  . LYS A 1 42  ? -15.338 1.269   4.872   1.00 23.46 ? 42  LYS A CA  1 
ATOM 320 C C   . LYS A 1 42  ? -14.033 1.627   5.572   1.00 22.23 ? 42  LYS A C   1 
ATOM 321 O O   . LYS A 1 42  ? -13.436 2.629   5.206   1.00 23.41 ? 42  LYS A O   1 
ATOM 322 C CB  . LYS A 1 42  ? -15.096 0.046   3.981   1.00 26.94 ? 42  LYS A CB  1 
ATOM 323 C CG  . LYS A 1 42  ? -16.339 -0.351  3.194   1.00 36.10 ? 42  LYS A CG  1 
ATOM 324 C CD  . LYS A 1 42  ? -17.523 -0.390  4.157   1.00 43.92 ? 42  LYS A CD  1 
ATOM 325 C CE  . LYS A 1 42  ? -17.943 -1.816  4.458   1.00 52.09 ? 42  LYS A CE  1 
ATOM 326 N NZ  . LYS A 1 42  ? -19.278 -2.109  3.849   1.00 61.61 ? 42  LYS A NZ  1 
ATOM 327 N N   . ALA A 1 43  ? -13.658 0.781   6.524   1.00 19.31 ? 43  ALA A N   1 
ATOM 328 C CA  . ALA A 1 43  ? -12.440 1.010   7.253   1.00 20.50 ? 43  ALA A CA  1 
ATOM 329 C C   . ALA A 1 43  ? -11.256 0.393   6.505   1.00 22.00 ? 43  ALA A C   1 
ATOM 330 O O   . ALA A 1 43  ? -11.409 -0.491  5.677   1.00 22.32 ? 43  ALA A O   1 
ATOM 331 C CB  . ALA A 1 43  ? -12.520 0.297   8.591   1.00 23.49 ? 43  ALA A CB  1 
ATOM 332 N N   . PRO A 1 44  ? -10.056 0.796   6.888   1.00 22.51 ? 44  PRO A N   1 
ATOM 333 C CA  . PRO A 1 44  ? -8.915  0.117   6.282   1.00 20.99 ? 44  PRO A CA  1 
ATOM 334 C C   . PRO A 1 44  ? -8.836  -1.353  6.689   1.00 20.38 ? 44  PRO A C   1 
ATOM 335 O O   . PRO A 1 44  ? -9.074  -1.749  7.827   1.00 21.89 ? 44  PRO A O   1 
ATOM 336 C CB  . PRO A 1 44  ? -7.733  0.897   6.853   1.00 18.89 ? 44  PRO A CB  1 
ATOM 337 C CG  . PRO A 1 44  ? -8.295  2.231   7.231   1.00 20.00 ? 44  PRO A CG  1 
ATOM 338 C CD  . PRO A 1 44  ? -9.658  1.886   7.794   1.00 18.70 ? 44  PRO A CD  1 
ATOM 339 N N   . LYS A 1 45  ? -8.346  -2.149  5.742   1.00 18.45 ? 45  LYS A N   1 
ATOM 340 C CA  . LYS A 1 45  ? -8.061  -3.560  5.937   1.00 17.26 ? 45  LYS A CA  1 
ATOM 341 C C   . LYS A 1 45  ? -6.580  -3.834  5.705   1.00 22.16 ? 45  LYS A C   1 
ATOM 342 O O   . LYS A 1 45  ? -6.037  -3.473  4.660   1.00 20.37 ? 45  LYS A O   1 
ATOM 343 C CB  . LYS A 1 45  ? -8.919  -4.348  4.980   1.00 23.39 ? 45  LYS A CB  1 
ATOM 344 C CG  . LYS A 1 45  ? -8.567  -5.765  4.587   1.00 37.99 ? 45  LYS A CG  1 
ATOM 345 C CD  . LYS A 1 45  ? -9.367  -6.147  3.346   1.00 46.67 ? 45  LYS A CD  1 
ATOM 346 C CE  . LYS A 1 45  ? -9.068  -7.502  2.741   1.00 52.63 ? 45  LYS A CE  1 
ATOM 347 N NZ  . LYS A 1 45  ? -9.180  -7.506  1.240   1.00 55.84 ? 45  LYS A NZ  1 
ATOM 348 N N   . LEU A 1 46  ? -5.947  -4.530  6.626   1.00 19.10 ? 46  LEU A N   1 
ATOM 349 C CA  . LEU A 1 46  ? -4.543  -4.868  6.453   1.00 21.09 ? 46  LEU A CA  1 
ATOM 350 C C   . LEU A 1 46  ? -4.289  -5.904  5.371   1.00 25.73 ? 46  LEU A C   1 
ATOM 351 O O   . LEU A 1 46  ? -4.826  -7.010  5.430   1.00 22.10 ? 46  LEU A O   1 
ATOM 352 C CB  . LEU A 1 46  ? -3.968  -5.410  7.760   1.00 21.86 ? 46  LEU A CB  1 
ATOM 353 C CG  . LEU A 1 46  ? -2.452  -5.738  7.679   1.00 21.73 ? 46  LEU A CG  1 
ATOM 354 C CD1 . LEU A 1 46  ? -1.692  -4.417  7.766   1.00 20.91 ? 46  LEU A CD1 1 
ATOM 355 C CD2 . LEU A 1 46  ? -2.100  -6.516  8.954   1.00 24.52 ? 46  LEU A CD2 1 
ATOM 356 N N   . LEU A 1 47  ? -3.450  -5.550  4.394   1.00 21.96 ? 47  LEU A N   1 
ATOM 357 C CA  . LEU A 1 47  ? -3.132  -6.474  3.319   1.00 21.53 ? 47  LEU A CA  1 
ATOM 358 C C   . LEU A 1 47  ? -1.790  -7.163  3.546   1.00 23.18 ? 47  LEU A C   1 
ATOM 359 O O   . LEU A 1 47  ? -1.676  -8.379  3.376   1.00 26.33 ? 47  LEU A O   1 
ATOM 360 C CB  . LEU A 1 47  ? -3.135  -5.792  1.959   1.00 23.55 ? 47  LEU A CB  1 
ATOM 361 C CG  . LEU A 1 47  ? -4.429  -5.203  1.394   1.00 28.03 ? 47  LEU A CG  1 
ATOM 362 C CD1 . LEU A 1 47  ? -4.358  -5.085  -0.133  1.00 44.77 ? 47  LEU A CD1 1 
ATOM 363 C CD2 . LEU A 1 47  ? -5.646  -6.054  1.678   1.00 32.48 ? 47  LEU A CD2 1 
ATOM 364 N N   . ILE A 1 48  ? -0.809  -6.343  3.882   1.00 22.00 ? 48  ILE A N   1 
ATOM 365 C CA  . ILE A 1 48  ? 0.576   -6.724  4.085   1.00 24.31 ? 48  ILE A CA  1 
ATOM 366 C C   . ILE A 1 48  ? 1.208   -6.109  5.317   1.00 24.85 ? 48  ILE A C   1 
ATOM 367 O O   . ILE A 1 48  ? 1.058   -4.918  5.586   1.00 20.72 ? 48  ILE A O   1 
ATOM 368 C CB  . ILE A 1 48  ? 1.366   -6.292  2.824   1.00 29.31 ? 48  ILE A CB  1 
ATOM 369 C CG1 . ILE A 1 48  ? 0.998   -7.152  1.606   1.00 34.13 ? 48  ILE A CG1 1 
ATOM 370 C CG2 . ILE A 1 48  ? 2.860   -6.353  3.085   1.00 32.51 ? 48  ILE A CG2 1 
ATOM 371 C CD1 . ILE A 1 48  ? 1.072   -6.445  0.284   1.00 45.37 ? 48  ILE A CD1 1 
ATOM 372 N N   . TYR A 1 49  ? 1.956   -6.923  6.073   1.00 21.89 ? 49  TYR A N   1 
ATOM 373 C CA  . TYR A 1 49  ? 2.669   -6.480  7.249   1.00 21.58 ? 49  TYR A CA  1 
ATOM 374 C C   . TYR A 1 49  ? 4.170   -6.807  7.069   1.00 19.28 ? 49  TYR A C   1 
ATOM 375 O O   . TYR A 1 49  ? 4.492   -7.657  6.242   1.00 24.63 ? 49  TYR A O   1 
ATOM 376 C CB  . TYR A 1 49  ? 2.133   -7.166  8.496   1.00 24.66 ? 49  TYR A CB  1 
ATOM 377 C CG  . TYR A 1 49  ? 2.467   -6.548  9.831   1.00 28.61 ? 49  TYR A CG  1 
ATOM 378 C CD1 . TYR A 1 49  ? 1.895   -5.366  10.286  1.00 30.15 ? 49  TYR A CD1 1 
ATOM 379 C CD2 . TYR A 1 49  ? 3.333   -7.187  10.719  1.00 34.31 ? 49  TYR A CD2 1 
ATOM 380 C CE1 . TYR A 1 49  ? 2.179   -4.813  11.521  1.00 26.64 ? 49  TYR A CE1 1 
ATOM 381 C CE2 . TYR A 1 49  ? 3.646   -6.637  11.957  1.00 30.95 ? 49  TYR A CE2 1 
ATOM 382 C CZ  . TYR A 1 49  ? 3.067   -5.451  12.349  1.00 31.10 ? 49  TYR A CZ  1 
ATOM 383 O OH  . TYR A 1 49  ? 3.365   -4.922  13.586  1.00 48.64 ? 49  TYR A OH  1 
ATOM 384 N N   . GLU A 1 50  ? 4.983   -6.086  7.780   1.00 22.93 ? 50  GLU A N   1 
ATOM 385 C CA  . GLU A 1 50  ? 6.438   -6.211  7.742   1.00 29.72 ? 50  GLU A CA  1 
ATOM 386 C C   . GLU A 1 50  ? 6.973   -6.188  6.317   1.00 30.36 ? 50  GLU A C   1 
ATOM 387 O O   . GLU A 1 50  ? 7.760   -7.062  5.923   1.00 31.75 ? 50  GLU A O   1 
ATOM 388 C CB  . GLU A 1 50  ? 6.887   -7.456  8.510   1.00 36.06 ? 50  GLU A CB  1 
ATOM 389 C CG  . GLU A 1 50  ? 8.267   -7.354  9.126   1.00 47.51 ? 50  GLU A CG  1 
ATOM 390 C CD  . GLU A 1 50  ? 8.434   -6.459  10.333  1.00 54.95 ? 50  GLU A CD  1 
ATOM 391 O OE1 . GLU A 1 50  ? 9.583   -5.977  10.532  1.00 62.53 ? 50  GLU A OE1 1 
ATOM 392 O OE2 . GLU A 1 50  ? 7.464   -6.237  11.098  1.00 57.14 ? 50  GLU A OE2 1 
ATOM 393 N N   . ALA A 1 51  ? 6.477   -5.203  5.578   1.00 26.60 ? 51  ALA A N   1 
ATOM 394 C CA  . ALA A 1 51  ? 6.823   -4.872  4.203   1.00 26.14 ? 51  ALA A CA  1 
ATOM 395 C C   . ALA A 1 51  ? 6.383   -5.848  3.154   1.00 23.72 ? 51  ALA A C   1 
ATOM 396 O O   . ALA A 1 51  ? 6.000   -5.494  2.027   1.00 25.74 ? 51  ALA A O   1 
ATOM 397 C CB  . ALA A 1 51  ? 8.340   -4.662  4.110   1.00 30.02 ? 51  ALA A CB  1 
ATOM 398 N N   . SER A 1 52  ? 6.479   -7.144  3.486   1.00 27.92 ? 52  SER A N   1 
ATOM 399 C CA  . SER A 1 52  ? 6.129   -8.127  2.458   1.00 26.89 ? 52  SER A CA  1 
ATOM 400 C C   . SER A 1 52  ? 5.355   -9.335  2.945   1.00 25.47 ? 52  SER A C   1 
ATOM 401 O O   . SER A 1 52  ? 5.125   -10.277 2.168   1.00 31.64 ? 52  SER A O   1 
ATOM 402 C CB  . SER A 1 52  ? 7.475   -8.667  1.904   1.00 31.87 ? 52  SER A CB  1 
ATOM 403 O OG  . SER A 1 52  ? 8.174   -9.234  3.018   1.00 31.32 ? 52  SER A OG  1 
ATOM 404 N N   . ASN A 1 53  ? 4.940   -9.389  4.207   1.00 23.50 ? 53  ASN A N   1 
ATOM 405 C CA  . ASN A 1 53  ? 4.196   -10.589 4.597   1.00 25.23 ? 53  ASN A CA  1 
ATOM 406 C C   . ASN A 1 53  ? 2.702   -10.408 4.337   1.00 24.88 ? 53  ASN A C   1 
ATOM 407 O O   . ASN A 1 53  ? 2.031   -9.612  4.993   1.00 31.48 ? 53  ASN A O   1 
ATOM 408 C CB  . ASN A 1 53  ? 4.439   -10.852 6.078   1.00 26.14 ? 53  ASN A CB  1 
ATOM 409 C CG  . ASN A 1 53  ? 5.914   -11.065 6.357   1.00 32.12 ? 53  ASN A CG  1 
ATOM 410 O OD1 . ASN A 1 53  ? 6.639   -11.410 5.425   1.00 41.71 ? 53  ASN A OD1 1 
ATOM 411 N ND2 . ASN A 1 53  ? 6.272   -10.865 7.616   1.00 43.39 ? 53  ASN A ND2 1 
ATOM 412 N N   . LEU A 1 54  ? 2.232   -11.126 3.340   1.00 26.18 ? 54  LEU A N   1 
ATOM 413 C CA  . LEU A 1 54  ? 0.838   -11.092 2.949   1.00 29.82 ? 54  LEU A CA  1 
ATOM 414 C C   . LEU A 1 54  ? -0.041  -11.658 4.045   1.00 31.77 ? 54  LEU A C   1 
ATOM 415 O O   . LEU A 1 54  ? 0.184   -12.731 4.608   1.00 31.64 ? 54  LEU A O   1 
ATOM 416 C CB  . LEU A 1 54  ? 0.668   -11.864 1.645   1.00 33.32 ? 54  LEU A CB  1 
ATOM 417 C CG  . LEU A 1 54  ? -0.704  -11.840 0.967   1.00 35.74 ? 54  LEU A CG  1 
ATOM 418 C CD1 . LEU A 1 54  ? -1.067  -10.408 0.589   1.00 36.12 ? 54  LEU A CD1 1 
ATOM 419 C CD2 . LEU A 1 54  ? -0.675  -12.714 -0.285  1.00 40.52 ? 54  LEU A CD2 1 
ATOM 420 N N   . GLN A 1 55  ? -1.103  -10.922 4.357   1.00 31.64 ? 55  GLN A N   1 
ATOM 421 C CA  . GLN A 1 55  ? -2.004  -11.396 5.404   1.00 28.97 ? 55  GLN A CA  1 
ATOM 422 C C   . GLN A 1 55  ? -2.885  -12.518 4.906   1.00 29.40 ? 55  GLN A C   1 
ATOM 423 O O   . GLN A 1 55  ? -3.218  -12.710 3.744   1.00 28.93 ? 55  GLN A O   1 
ATOM 424 C CB  . GLN A 1 55  ? -2.853  -10.238 5.932   1.00 30.23 ? 55  GLN A CB  1 
ATOM 425 C CG  . GLN A 1 55  ? -2.030  -9.208  6.702   1.00 28.56 ? 55  GLN A CG  1 
ATOM 426 C CD  . GLN A 1 55  ? -1.196  -9.835  7.804   1.00 28.59 ? 55  GLN A CD  1 
ATOM 427 O OE1 . GLN A 1 55  ? -1.695  -10.079 8.908   1.00 30.51 ? 55  GLN A OE1 1 
ATOM 428 N NE2 . GLN A 1 55  ? 0.070   -10.108 7.504   1.00 30.72 ? 55  GLN A NE2 1 
ATOM 429 N N   . ALA A 1 56  ? -3.307  -13.346 5.865   1.00 32.40 ? 56  ALA A N   1 
ATOM 430 C CA  . ALA A 1 56  ? -4.126  -14.462 5.401   1.00 36.42 ? 56  ALA A CA  1 
ATOM 431 C C   . ALA A 1 56  ? -5.413  -13.946 4.770   1.00 38.93 ? 56  ALA A C   1 
ATOM 432 O O   . ALA A 1 56  ? -6.027  -12.985 5.228   1.00 37.86 ? 56  ALA A O   1 
ATOM 433 C CB  . ALA A 1 56  ? -4.417  -15.401 6.559   1.00 45.31 ? 56  ALA A CB  1 
ATOM 434 N N   . GLY A 1 57  ? -5.805  -14.636 3.698   1.00 41.31 ? 57  GLY A N   1 
ATOM 435 C CA  . GLY A 1 57  ? -7.037  -14.340 2.992   1.00 42.57 ? 57  GLY A CA  1 
ATOM 436 C C   . GLY A 1 57  ? -6.820  -13.349 1.877   1.00 42.52 ? 57  GLY A C   1 
ATOM 437 O O   . GLY A 1 57  ? -7.619  -13.136 0.970   1.00 46.27 ? 57  GLY A O   1 
ATOM 438 N N   . VAL A 1 58  ? -5.645  -12.716 1.948   1.00 35.53 ? 58  VAL A N   1 
ATOM 439 C CA  . VAL A 1 58  ? -5.445  -11.741 0.882   1.00 33.65 ? 58  VAL A CA  1 
ATOM 440 C C   . VAL A 1 58  ? -4.893  -12.417 -0.356  1.00 33.63 ? 58  VAL A C   1 
ATOM 441 O O   . VAL A 1 58  ? -3.915  -13.165 -0.298  1.00 41.90 ? 58  VAL A O   1 
ATOM 442 C CB  . VAL A 1 58  ? -4.467  -10.671 1.407   1.00 30.95 ? 58  VAL A CB  1 
ATOM 443 C CG1 . VAL A 1 58  ? -4.305  -9.569  0.378   1.00 31.03 ? 58  VAL A CG1 1 
ATOM 444 C CG2 . VAL A 1 58  ? -5.024  -10.160 2.724   1.00 30.86 ? 58  VAL A CG2 1 
ATOM 445 N N   . PRO A 1 59  ? -5.552  -12.139 -1.467  1.00 30.13 ? 59  PRO A N   1 
ATOM 446 C CA  . PRO A 1 59  ? -5.150  -12.695 -2.761  1.00 34.70 ? 59  PRO A CA  1 
ATOM 447 C C   . PRO A 1 59  ? -3.677  -12.437 -3.048  1.00 38.10 ? 59  PRO A C   1 
ATOM 448 O O   . PRO A 1 59  ? -3.096  -11.415 -2.685  1.00 34.44 ? 59  PRO A O   1 
ATOM 449 C CB  . PRO A 1 59  ? -6.042  -11.939 -3.749  1.00 33.09 ? 59  PRO A CB  1 
ATOM 450 C CG  . PRO A 1 59  ? -7.243  -11.612 -2.934  1.00 31.90 ? 59  PRO A CG  1 
ATOM 451 C CD  . PRO A 1 59  ? -6.712  -11.241 -1.582  1.00 32.09 ? 59  PRO A CD  1 
ATOM 452 N N   . SER A 1 60  ? -3.055  -13.437 -3.667  1.00 39.26 ? 60  SER A N   1 
ATOM 453 C CA  . SER A 1 60  ? -1.622  -13.379 -3.919  1.00 36.87 ? 60  SER A CA  1 
ATOM 454 C C   . SER A 1 60  ? -1.290  -12.405 -5.020  1.00 35.01 ? 60  SER A C   1 
ATOM 455 O O   . SER A 1 60  ? -0.121  -12.163 -5.328  1.00 33.39 ? 60  SER A O   1 
ATOM 456 C CB  . SER A 1 60  ? -1.137  -14.786 -4.315  1.00 43.75 ? 60  SER A CB  1 
ATOM 457 O OG  . SER A 1 60  ? -1.986  -15.303 -5.336  1.00 49.25 ? 60  SER A OG  1 
ATOM 458 N N   . ARG A 1 61  ? -2.314  -11.845 -5.668  1.00 34.71 ? 61  ARG A N   1 
ATOM 459 C CA  . ARG A 1 61  ? -1.942  -10.899 -6.730  1.00 30.45 ? 61  ARG A CA  1 
ATOM 460 C C   . ARG A 1 61  ? -1.372  -9.638  -6.077  1.00 26.40 ? 61  ARG A C   1 
ATOM 461 O O   . ARG A 1 61  ? -0.815  -8.798  -6.776  1.00 29.31 ? 61  ARG A O   1 
ATOM 462 C CB  . ARG A 1 61  ? -3.127  -10.517 -7.598  1.00 31.41 ? 61  ARG A CB  1 
ATOM 463 C CG  . ARG A 1 61  ? -4.281  -9.907  -6.815  1.00 31.93 ? 61  ARG A CG  1 
ATOM 464 C CD  . ARG A 1 61  ? -5.409  -9.558  -7.781  1.00 33.58 ? 61  ARG A CD  1 
ATOM 465 N NE  . ARG A 1 61  ? -6.599  -9.065  -7.105  1.00 35.60 ? 61  ARG A NE  1 
ATOM 466 C CZ  . ARG A 1 61  ? -7.516  -9.871  -6.575  1.00 35.63 ? 61  ARG A CZ  1 
ATOM 467 N NH1 . ARG A 1 61  ? -7.420  -11.191 -6.630  1.00 32.69 ? 61  ARG A NH1 1 
ATOM 468 N NH2 . ARG A 1 61  ? -8.562  -9.341  -5.970  1.00 29.69 ? 61  ARG A NH2 1 
ATOM 469 N N   . PHE A 1 62  ? -1.486  -9.587  -4.757  1.00 31.20 ? 62  PHE A N   1 
ATOM 470 C CA  . PHE A 1 62  ? -0.976  -8.484  -3.961  1.00 29.89 ? 62  PHE A CA  1 
ATOM 471 C C   . PHE A 1 62  ? 0.404   -8.835  -3.414  1.00 29.37 ? 62  PHE A C   1 
ATOM 472 O O   . PHE A 1 62  ? 0.506   -9.854  -2.759  1.00 33.67 ? 62  PHE A O   1 
ATOM 473 C CB  . PHE A 1 62  ? -1.851  -8.185  -2.740  1.00 27.87 ? 62  PHE A CB  1 
ATOM 474 C CG  . PHE A 1 62  ? -3.158  -7.493  -3.093  1.00 24.51 ? 62  PHE A CG  1 
ATOM 475 C CD1 . PHE A 1 62  ? -3.224  -6.127  -3.240  1.00 24.16 ? 62  PHE A CD1 1 
ATOM 476 C CD2 . PHE A 1 62  ? -4.305  -8.236  -3.291  1.00 26.10 ? 62  PHE A CD2 1 
ATOM 477 C CE1 . PHE A 1 62  ? -4.387  -5.501  -3.633  1.00 25.49 ? 62  PHE A CE1 1 
ATOM 478 C CE2 . PHE A 1 62  ? -5.488  -7.630  -3.672  1.00 25.95 ? 62  PHE A CE2 1 
ATOM 479 C CZ  . PHE A 1 62  ? -5.516  -6.264  -3.853  1.00 26.83 ? 62  PHE A CZ  1 
ATOM 480 N N   . SER A 1 63  ? 1.384   -7.972  -3.607  1.00 26.88 ? 63  SER A N   1 
ATOM 481 C CA  . SER A 1 63  ? 2.676   -8.244  -2.999  1.00 30.90 ? 63  SER A CA  1 
ATOM 482 C C   . SER A 1 63  ? 3.363   -6.930  -2.633  1.00 27.19 ? 63  SER A C   1 
ATOM 483 O O   . SER A 1 63  ? 3.144   -5.908  -3.266  1.00 29.50 ? 63  SER A O   1 
ATOM 484 C CB  . SER A 1 63  ? 3.633   -9.076  -3.870  1.00 31.75 ? 63  SER A CB  1 
ATOM 485 O OG  . SER A 1 63  ? 3.974   -8.396  -5.051  1.00 36.62 ? 63  SER A OG  1 
ATOM 486 N N   . GLY A 1 64  ? 4.173   -7.037  -1.572  1.00 27.03 ? 64  GLY A N   1 
ATOM 487 C CA  . GLY A 1 64  ? 4.923   -5.908  -1.094  1.00 26.97 ? 64  GLY A CA  1 
ATOM 488 C C   . GLY A 1 64  ? 6.418   -6.177  -1.119  1.00 28.63 ? 64  GLY A C   1 
ATOM 489 O O   . GLY A 1 64  ? 6.815   -7.323  -0.922  1.00 27.10 ? 64  GLY A O   1 
ATOM 490 N N   . SER A 1 65  ? 7.171   -5.113  -1.348  1.00 29.32 ? 65  SER A N   1 
ATOM 491 C CA  . SER A 1 65  ? 8.631   -5.230  -1.334  1.00 33.44 ? 65  SER A CA  1 
ATOM 492 C C   . SER A 1 65  ? 9.234   -3.945  -0.788  1.00 32.10 ? 65  SER A C   1 
ATOM 493 O O   . SER A 1 65  ? 8.546   -2.948  -0.613  1.00 26.32 ? 65  SER A O   1 
ATOM 494 C CB  . SER A 1 65  ? 9.190   -5.493  -2.739  1.00 32.12 ? 65  SER A CB  1 
ATOM 495 O OG  . SER A 1 65  ? 8.695   -4.534  -3.654  1.00 37.94 ? 65  SER A OG  1 
ATOM 496 N N   . GLY A 1 66  ? 10.540  -3.994  -0.572  1.00 31.67 ? 66  GLY A N   1 
ATOM 497 C CA  . GLY A 1 66  ? 11.359  -2.907  -0.109  1.00 27.38 ? 66  GLY A CA  1 
ATOM 498 C C   . GLY A 1 66  ? 11.814  -3.107  1.329   1.00 27.42 ? 66  GLY A C   1 
ATOM 499 O O   . GLY A 1 66  ? 11.352  -3.988  2.045   1.00 31.76 ? 66  GLY A O   1 
ATOM 500 N N   . SER A 1 67  ? 12.730  -2.247  1.731   1.00 29.05 ? 67  SER A N   1 
ATOM 501 C CA  . SER A 1 67  ? 13.321  -2.136  3.039   1.00 33.60 ? 67  SER A CA  1 
ATOM 502 C C   . SER A 1 67  ? 13.980  -0.757  3.130   1.00 30.98 ? 67  SER A C   1 
ATOM 503 O O   . SER A 1 67  ? 14.302  -0.150  2.106   1.00 35.56 ? 67  SER A O   1 
ATOM 504 C CB  . SER A 1 67  ? 14.396  -3.208  3.295   1.00 37.87 ? 67  SER A CB  1 
ATOM 505 O OG  . SER A 1 67  ? 15.299  -3.203  2.203   1.00 52.52 ? 67  SER A OG  1 
ATOM 506 N N   . GLY A 1 68  ? 14.158  -0.291  4.351   1.00 28.66 ? 68  GLY A N   1 
ATOM 507 C CA  . GLY A 1 68  ? 14.807  0.982   4.603   1.00 28.22 ? 68  GLY A CA  1 
ATOM 508 C C   . GLY A 1 68  ? 13.866  2.146   4.425   1.00 27.80 ? 68  GLY A C   1 
ATOM 509 O O   . GLY A 1 68  ? 13.122  2.464   5.356   1.00 29.15 ? 68  GLY A O   1 
ATOM 510 N N   . THR A 1 69  ? 13.892  2.758   3.237   1.00 24.93 ? 69  THR A N   1 
ATOM 511 C CA  . THR A 1 69  ? 13.048  3.923   3.015   1.00 25.04 ? 69  THR A CA  1 
ATOM 512 C C   . THR A 1 69  ? 12.130  3.758   1.813   1.00 22.64 ? 69  THR A C   1 
ATOM 513 O O   . THR A 1 69  ? 11.264  4.614   1.630   1.00 26.30 ? 69  THR A O   1 
ATOM 514 C CB  . THR A 1 69  ? 13.790  5.261   2.817   1.00 28.96 ? 69  THR A CB  1 
ATOM 515 O OG1 . THR A 1 69  ? 14.818  5.183   1.825   1.00 29.12 ? 69  THR A OG1 1 
ATOM 516 C CG2 . THR A 1 69  ? 14.468  5.732   4.089   1.00 28.42 ? 69  THR A CG2 1 
ATOM 517 N N   . ASP A 1 70  ? 12.376  2.782   0.955   1.00 23.86 ? 70  ASP A N   1 
ATOM 518 C CA  . ASP A 1 70  ? 11.588  2.703   -0.262  1.00 27.17 ? 70  ASP A CA  1 
ATOM 519 C C   . ASP A 1 70  ? 10.848  1.385   -0.344  1.00 27.57 ? 70  ASP A C   1 
ATOM 520 O O   . ASP A 1 70  ? 11.420  0.304   -0.302  1.00 24.24 ? 70  ASP A O   1 
ATOM 521 C CB  . ASP A 1 70  ? 12.414  2.951   -1.515  1.00 37.17 ? 70  ASP A CB  1 
ATOM 522 C CG  . ASP A 1 70  ? 13.344  4.147   -1.366  1.00 40.92 ? 70  ASP A CG  1 
ATOM 523 O OD1 . ASP A 1 70  ? 12.846  5.264   -1.123  1.00 43.69 ? 70  ASP A OD1 1 
ATOM 524 O OD2 . ASP A 1 70  ? 14.574  3.935   -1.484  1.00 52.22 ? 70  ASP A OD2 1 
ATOM 525 N N   . PHE A 1 71  ? 9.529   1.543   -0.438  1.00 24.48 ? 71  PHE A N   1 
ATOM 526 C CA  . PHE A 1 71  ? 8.628   0.415   -0.469  1.00 23.56 ? 71  PHE A CA  1 
ATOM 527 C C   . PHE A 1 71  ? 7.670   0.467   -1.651  1.00 21.37 ? 71  PHE A C   1 
ATOM 528 O O   . PHE A 1 71  ? 7.311   1.535   -2.140  1.00 24.99 ? 71  PHE A O   1 
ATOM 529 C CB  . PHE A 1 71  ? 7.817   0.388   0.846   1.00 23.57 ? 71  PHE A CB  1 
ATOM 530 C CG  . PHE A 1 71  ? 8.754   0.352   2.041   1.00 22.83 ? 71  PHE A CG  1 
ATOM 531 C CD1 . PHE A 1 71  ? 9.097   -0.862  2.600   1.00 23.52 ? 71  PHE A CD1 1 
ATOM 532 C CD2 . PHE A 1 71  ? 9.265   1.526   2.549   1.00 22.20 ? 71  PHE A CD2 1 
ATOM 533 C CE1 . PHE A 1 71  ? 9.977   -0.907  3.661   1.00 23.05 ? 71  PHE A CE1 1 
ATOM 534 C CE2 . PHE A 1 71  ? 10.177  1.482   3.595   1.00 22.02 ? 71  PHE A CE2 1 
ATOM 535 C CZ  . PHE A 1 71  ? 10.536  0.269   4.124   1.00 21.07 ? 71  PHE A CZ  1 
ATOM 536 N N   . THR A 1 72  ? 7.235   -0.709  -2.066  1.00 21.38 ? 72  THR A N   1 
ATOM 537 C CA  . THR A 1 72  ? 6.335   -0.869  -3.181  1.00 20.52 ? 72  THR A CA  1 
ATOM 538 C C   . THR A 1 72  ? 5.286   -1.934  -2.925  1.00 21.53 ? 72  THR A C   1 
ATOM 539 O O   . THR A 1 72  ? 5.520   -3.020  -2.449  1.00 25.84 ? 72  THR A O   1 
ATOM 540 C CB  . THR A 1 72  ? 7.083   -1.301  -4.464  1.00 24.74 ? 72  THR A CB  1 
ATOM 541 O OG1 . THR A 1 72  ? 8.118   -0.350  -4.753  1.00 33.10 ? 72  THR A OG1 1 
ATOM 542 C CG2 . THR A 1 72  ? 6.161   -1.277  -5.666  1.00 29.64 ? 72  THR A CG2 1 
ATOM 543 N N   . LEU A 1 73  ? 4.101   -1.560  -3.390  1.00 24.29 ? 73  LEU A N   1 
ATOM 544 C CA  . LEU A 1 73  ? 2.952   -2.444  -3.384  1.00 24.14 ? 73  LEU A CA  1 
ATOM 545 C C   . LEU A 1 73  ? 2.636   -2.674  -4.878  1.00 20.17 ? 73  LEU A C   1 
ATOM 546 O O   . LEU A 1 73  ? 2.478   -1.731  -5.658  1.00 25.65 ? 73  LEU A O   1 
ATOM 547 C CB  . LEU A 1 73  ? 1.730   -1.822  -2.677  1.00 22.11 ? 73  LEU A CB  1 
ATOM 548 C CG  . LEU A 1 73  ? 0.414   -2.613  -2.840  1.00 25.75 ? 73  LEU A CG  1 
ATOM 549 C CD1 . LEU A 1 73  ? 0.496   -3.859  -1.971  1.00 26.35 ? 73  LEU A CD1 1 
ATOM 550 C CD2 . LEU A 1 73  ? -0.789  -1.780  -2.406  1.00 26.71 ? 73  LEU A CD2 1 
ATOM 551 N N   . THR A 1 74  ? 2.573   -3.943  -5.232  1.00 21.70 ? 74  THR A N   1 
ATOM 552 C CA  . THR A 1 74  ? 2.264   -4.337  -6.585  1.00 26.53 ? 74  THR A CA  1 
ATOM 553 C C   . THR A 1 74  ? 1.038   -5.259  -6.599  1.00 25.57 ? 74  THR A C   1 
ATOM 554 O O   . THR A 1 74  ? 0.963   -6.192  -5.807  1.00 31.73 ? 74  THR A O   1 
ATOM 555 C CB  . THR A 1 74  ? 3.435   -5.148  -7.204  1.00 32.58 ? 74  THR A CB  1 
ATOM 556 O OG1 . THR A 1 74  ? 4.637   -4.413  -6.969  1.00 29.42 ? 74  THR A OG1 1 
ATOM 557 C CG2 . THR A 1 74  ? 3.278   -5.269  -8.708  1.00 39.11 ? 74  THR A CG2 1 
ATOM 558 N N   . ILE A 1 75  ? 0.149   -4.957  -7.521  1.00 24.17 ? 75  ILE A N   1 
ATOM 559 C CA  . ILE A 1 75  ? -1.027  -5.787  -7.789  1.00 29.61 ? 75  ILE A CA  1 
ATOM 560 C C   . ILE A 1 75  ? -0.838  -6.313  -9.215  1.00 29.92 ? 75  ILE A C   1 
ATOM 561 O O   . ILE A 1 75  ? -0.872  -5.537  -10.176 1.00 33.36 ? 75  ILE A O   1 
ATOM 562 C CB  . ILE A 1 75  ? -2.338  -5.023  -7.634  1.00 31.96 ? 75  ILE A CB  1 
ATOM 563 C CG1 . ILE A 1 75  ? -2.372  -4.105  -6.403  1.00 32.91 ? 75  ILE A CG1 1 
ATOM 564 C CG2 . ILE A 1 75  ? -3.526  -5.971  -7.604  1.00 31.74 ? 75  ILE A CG2 1 
ATOM 565 C CD1 . ILE A 1 75  ? -3.689  -3.387  -6.221  1.00 31.70 ? 75  ILE A CD1 1 
ATOM 566 N N   . SER A 1 76  ? -0.560  -7.597  -9.290  1.00 32.61 ? 76  SER A N   1 
ATOM 567 C CA  . SER A 1 76  ? -0.176  -8.233  -10.552 1.00 35.29 ? 76  SER A CA  1 
ATOM 568 C C   . SER A 1 76  ? -1.183  -8.128  -11.668 1.00 33.19 ? 76  SER A C   1 
ATOM 569 O O   . SER A 1 76  ? -0.844  -7.868  -12.828 1.00 40.02 ? 76  SER A O   1 
ATOM 570 C CB  . SER A 1 76  ? 0.206   -9.697  -10.318 1.00 39.98 ? 76  SER A CB  1 
ATOM 571 O OG  . SER A 1 76  ? -0.886  -10.491 -9.919  1.00 49.18 ? 76  SER A OG  1 
ATOM 572 N N   . SER A 1 77  ? -2.443  -8.351  -11.333 1.00 30.83 ? 77  SER A N   1 
ATOM 573 C CA  . SER A 1 77  ? -3.531  -8.377  -12.292 1.00 30.18 ? 77  SER A CA  1 
ATOM 574 C C   . SER A 1 77  ? -4.831  -7.986  -11.581 1.00 26.02 ? 77  SER A C   1 
ATOM 575 O O   . SER A 1 77  ? -5.424  -8.780  -10.863 1.00 27.50 ? 77  SER A O   1 
ATOM 576 C CB  . SER A 1 77  ? -3.760  -9.797  -12.847 1.00 31.66 ? 77  SER A CB  1 
ATOM 577 O OG  . SER A 1 77  ? -4.753  -9.690  -13.856 1.00 37.15 ? 77  SER A OG  1 
ATOM 578 N N   . LEU A 1 78  ? -5.168  -6.724  -11.770 1.00 26.86 ? 78  LEU A N   1 
ATOM 579 C CA  . LEU A 1 78  ? -6.319  -6.128  -11.121 1.00 28.14 ? 78  LEU A CA  1 
ATOM 580 C C   . LEU A 1 78  ? -7.639  -6.845  -11.391 1.00 29.09 ? 78  LEU A C   1 
ATOM 581 O O   . LEU A 1 78  ? -7.979  -7.138  -12.542 1.00 27.37 ? 78  LEU A O   1 
ATOM 582 C CB  . LEU A 1 78  ? -6.519  -4.695  -11.668 1.00 29.15 ? 78  LEU A CB  1 
ATOM 583 C CG  . LEU A 1 78  ? -5.640  -3.638  -11.014 1.00 33.19 ? 78  LEU A CG  1 
ATOM 584 C CD1 . LEU A 1 78  ? -5.939  -2.324  -11.724 1.00 31.03 ? 78  LEU A CD1 1 
ATOM 585 C CD2 . LEU A 1 78  ? -5.881  -3.571  -9.506  1.00 28.76 ? 78  LEU A CD2 1 
ATOM 586 N N   . GLN A 1 79  ? -8.388  -6.978  -10.304 1.00 26.15 ? 79  GLN A N   1 
ATOM 587 C CA  . GLN A 1 79  ? -9.755  -7.462  -10.310 1.00 26.09 ? 79  GLN A CA  1 
ATOM 588 C C   . GLN A 1 79  ? -10.671 -6.288  -9.983  1.00 26.45 ? 79  GLN A C   1 
ATOM 589 O O   . GLN A 1 79  ? -10.211 -5.308  -9.387  1.00 25.51 ? 79  GLN A O   1 
ATOM 590 C CB  . GLN A 1 79  ? -9.943  -8.604  -9.323  1.00 31.90 ? 79  GLN A CB  1 
ATOM 591 C CG  . GLN A 1 79  ? -9.160  -9.851  -9.727  1.00 35.20 ? 79  GLN A CG  1 
ATOM 592 C CD  . GLN A 1 79  ? -9.783  -10.509 -10.950 1.00 41.38 ? 79  GLN A CD  1 
ATOM 593 O OE1 . GLN A 1 79  ? -9.136  -10.696 -11.977 1.00 60.61 ? 79  GLN A OE1 1 
ATOM 594 N NE2 . GLN A 1 79  ? -11.074 -10.804 -10.868 1.00 54.06 ? 79  GLN A NE2 1 
ATOM 595 N N   . PRO A 1 80  ? -11.929 -6.356  -10.387 1.00 28.29 ? 80  PRO A N   1 
ATOM 596 C CA  . PRO A 1 80  ? -12.883 -5.270  -10.158 1.00 29.24 ? 80  PRO A CA  1 
ATOM 597 C C   . PRO A 1 80  ? -12.956 -4.830  -8.699  1.00 23.07 ? 80  PRO A C   1 
ATOM 598 O O   . PRO A 1 80  ? -13.095 -3.661  -8.363  1.00 30.26 ? 80  PRO A O   1 
ATOM 599 C CB  . PRO A 1 80  ? -14.212 -5.903  -10.586 1.00 34.54 ? 80  PRO A CB  1 
ATOM 600 C CG  . PRO A 1 80  ? -13.824 -6.871  -11.657 1.00 31.71 ? 80  PRO A CG  1 
ATOM 601 C CD  . PRO A 1 80  ? -12.518 -7.460  -11.183 1.00 32.44 ? 80  PRO A CD  1 
ATOM 602 N N   . GLU A 1 81  ? -12.841 -5.799  -7.804  1.00 25.51 ? 81  GLU A N   1 
ATOM 603 C CA  . GLU A 1 81  ? -12.965 -5.477  -6.392  1.00 30.71 ? 81  GLU A CA  1 
ATOM 604 C C   . GLU A 1 81  ? -11.758 -4.736  -5.839  1.00 30.63 ? 81  GLU A C   1 
ATOM 605 O O   . GLU A 1 81  ? -11.766 -4.407  -4.660  1.00 24.89 ? 81  GLU A O   1 
ATOM 606 C CB  . GLU A 1 81  ? -13.196 -6.754  -5.566  1.00 38.03 ? 81  GLU A CB  1 
ATOM 607 C CG  . GLU A 1 81  ? -12.128 -7.826  -5.636  1.00 41.10 ? 81  GLU A CG  1 
ATOM 608 C CD  . GLU A 1 81  ? -12.356 -8.885  -6.709  1.00 44.94 ? 81  GLU A CD  1 
ATOM 609 O OE1 . GLU A 1 81  ? -12.968 -8.604  -7.772  1.00 33.72 ? 81  GLU A OE1 1 
ATOM 610 O OE2 . GLU A 1 81  ? -11.921 -10.036 -6.466  1.00 41.65 ? 81  GLU A OE2 1 
ATOM 611 N N   . ASP A 1 82  ? -10.733 -4.502  -6.653  1.00 22.63 ? 82  ASP A N   1 
ATOM 612 C CA  . ASP A 1 82  ? -9.496  -3.954  -6.105  1.00 21.58 ? 82  ASP A CA  1 
ATOM 613 C C   . ASP A 1 82  ? -9.500  -2.448  -6.122  1.00 23.43 ? 82  ASP A C   1 
ATOM 614 O O   . ASP A 1 82  ? -8.551  -1.775  -5.716  1.00 25.35 ? 82  ASP A O   1 
ATOM 615 C CB  . ASP A 1 82  ? -8.302  -4.443  -6.953  1.00 23.54 ? 82  ASP A CB  1 
ATOM 616 C CG  . ASP A 1 82  ? -8.014  -5.912  -6.822  1.00 23.65 ? 82  ASP A CG  1 
ATOM 617 O OD1 . ASP A 1 82  ? -8.523  -6.538  -5.866  1.00 26.22 ? 82  ASP A OD1 1 
ATOM 618 O OD2 . ASP A 1 82  ? -7.324  -6.484  -7.690  1.00 25.97 ? 82  ASP A OD2 1 
ATOM 619 N N   . PHE A 1 83  ? -10.570 -1.926  -6.705  1.00 23.87 ? 83  PHE A N   1 
ATOM 620 C CA  . PHE A 1 83  ? -10.601 -0.469  -6.814  1.00 28.56 ? 83  PHE A CA  1 
ATOM 621 C C   . PHE A 1 83  ? -10.961 0.041   -5.429  1.00 28.21 ? 83  PHE A C   1 
ATOM 622 O O   . PHE A 1 83  ? -11.897 -0.414  -4.777  1.00 28.19 ? 83  PHE A O   1 
ATOM 623 C CB  . PHE A 1 83  ? -11.493 -0.093  -7.976  1.00 34.05 ? 83  PHE A CB  1 
ATOM 624 C CG  . PHE A 1 83  ? -10.994 -0.569  -9.336  1.00 37.19 ? 83  PHE A CG  1 
ATOM 625 C CD1 . PHE A 1 83  ? -11.593 -1.626  -9.994  1.00 39.36 ? 83  PHE A CD1 1 
ATOM 626 C CD2 . PHE A 1 83  ? -9.929  0.046   -9.964  1.00 43.14 ? 83  PHE A CD2 1 
ATOM 627 C CE1 . PHE A 1 83  ? -11.170 -2.021  -11.249 1.00 43.03 ? 83  PHE A CE1 1 
ATOM 628 C CE2 . PHE A 1 83  ? -9.495  -0.342  -11.219 1.00 46.86 ? 83  PHE A CE2 1 
ATOM 629 C CZ  . PHE A 1 83  ? -10.094 -1.413  -11.863 1.00 43.64 ? 83  PHE A CZ  1 
ATOM 630 N N   . ALA A 1 84  ? -10.063 0.886   -4.942  1.00 25.57 ? 84  ALA A N   1 
ATOM 631 C CA  . ALA A 1 84  ? -10.067 1.381   -3.587  1.00 23.97 ? 84  ALA A CA  1 
ATOM 632 C C   . ALA A 1 84  ? -8.954  2.403   -3.357  1.00 23.21 ? 84  ALA A C   1 
ATOM 633 O O   . ALA A 1 84  ? -8.206  2.703   -4.275  1.00 22.56 ? 84  ALA A O   1 
ATOM 634 C CB  . ALA A 1 84  ? -9.769  0.142   -2.715  1.00 24.81 ? 84  ALA A CB  1 
ATOM 635 N N   . THR A 1 85  ? -8.792  2.811   -2.105  1.00 19.38 ? 85  THR A N   1 
ATOM 636 C CA  . THR A 1 85  ? -7.681  3.653   -1.704  1.00 20.18 ? 85  THR A CA  1 
ATOM 637 C C   . THR A 1 85  ? -6.688  2.810   -0.916  1.00 21.56 ? 85  THR A C   1 
ATOM 638 O O   . THR A 1 85  ? -7.042  2.055   -0.022  1.00 24.23 ? 85  THR A O   1 
ATOM 639 C CB  . THR A 1 85  ? -8.090  4.923   -0.949  1.00 24.81 ? 85  THR A CB  1 
ATOM 640 O OG1 . THR A 1 85  ? -8.844  5.759   -1.854  1.00 24.08 ? 85  THR A OG1 1 
ATOM 641 C CG2 . THR A 1 85  ? -6.881  5.749   -0.525  1.00 22.89 ? 85  THR A CG2 1 
ATOM 642 N N   . TYR A 1 86  ? -5.430  2.880   -1.297  1.00 18.76 ? 86  TYR A N   1 
ATOM 643 C CA  . TYR A 1 86  ? -4.364  2.136   -0.670  1.00 17.62 ? 86  TYR A CA  1 
ATOM 644 C C   . TYR A 1 86  ? -3.449  3.063   0.115   1.00 20.47 ? 86  TYR A C   1 
ATOM 645 O O   . TYR A 1 86  ? -3.149  4.190   -0.280  1.00 20.89 ? 86  TYR A O   1 
ATOM 646 C CB  . TYR A 1 86  ? -3.534  1.351   -1.706  1.00 18.61 ? 86  TYR A CB  1 
ATOM 647 C CG  . TYR A 1 86  ? -4.394  0.273   -2.332  1.00 20.85 ? 86  TYR A CG  1 
ATOM 648 C CD1 . TYR A 1 86  ? -5.227  0.598   -3.395  1.00 20.95 ? 86  TYR A CD1 1 
ATOM 649 C CD2 . TYR A 1 86  ? -4.378  -1.032  -1.860  1.00 22.79 ? 86  TYR A CD2 1 
ATOM 650 C CE1 . TYR A 1 86  ? -6.023  -0.380  -3.958  1.00 22.29 ? 86  TYR A CE1 1 
ATOM 651 C CE2 . TYR A 1 86  ? -5.177  -2.020  -2.420  1.00 22.08 ? 86  TYR A CE2 1 
ATOM 652 C CZ  . TYR A 1 86  ? -5.970  -1.673  -3.492  1.00 20.82 ? 86  TYR A CZ  1 
ATOM 653 O OH  . TYR A 1 86  ? -6.821  -2.596  -4.063  1.00 23.66 ? 86  TYR A OH  1 
ATOM 654 N N   . TYR A 1 87  ? -3.047  2.581   1.288   1.00 19.17 ? 87  TYR A N   1 
ATOM 655 C CA  . TYR A 1 87  ? -2.190  3.356   2.170   1.00 20.77 ? 87  TYR A CA  1 
ATOM 656 C C   . TYR A 1 87  ? -1.032  2.502   2.687   1.00 19.95 ? 87  TYR A C   1 
ATOM 657 O O   . TYR A 1 87  ? -1.204  1.324   3.004   1.00 22.86 ? 87  TYR A O   1 
ATOM 658 C CB  . TYR A 1 87  ? -2.930  3.821   3.433   1.00 20.00 ? 87  TYR A CB  1 
ATOM 659 C CG  . TYR A 1 87  ? -4.060  4.794   3.234   1.00 18.22 ? 87  TYR A CG  1 
ATOM 660 C CD1 . TYR A 1 87  ? -3.824  6.154   3.113   1.00 19.05 ? 87  TYR A CD1 1 
ATOM 661 C CD2 . TYR A 1 87  ? -5.376  4.342   3.207   1.00 20.66 ? 87  TYR A CD2 1 
ATOM 662 C CE1 . TYR A 1 87  ? -4.856  7.053   2.952   1.00 21.10 ? 87  TYR A CE1 1 
ATOM 663 C CE2 . TYR A 1 87  ? -6.412  5.232   3.028   1.00 20.86 ? 87  TYR A CE2 1 
ATOM 664 C CZ  . TYR A 1 87  ? -6.151  6.569   2.901   1.00 20.05 ? 87  TYR A CZ  1 
ATOM 665 O OH  . TYR A 1 87  ? -7.201  7.427   2.726   1.00 22.08 ? 87  TYR A OH  1 
ATOM 666 N N   . CYS A 1 88  ? 0.119   3.153   2.808   1.00 20.92 ? 88  CYS A N   1 
ATOM 667 C CA  . CYS A 1 88  ? 1.227   2.538   3.540   1.00 19.95 ? 88  CYS A CA  1 
ATOM 668 C C   . CYS A 1 88  ? 1.230   3.213   4.923   1.00 22.30 ? 88  CYS A C   1 
ATOM 669 O O   . CYS A 1 88  ? 0.752   4.342   5.100   1.00 19.15 ? 88  CYS A O   1 
ATOM 670 C CB  . CYS A 1 88  ? 2.590   2.703   2.882   1.00 18.85 ? 88  CYS A CB  1 
ATOM 671 S SG  . CYS A 1 88  ? 3.090   4.436   2.705   1.00 22.30 ? 88  CYS A SG  1 
ATOM 672 N N   . GLN A 1 89  ? 1.807   2.504   5.887   1.00 19.92 ? 89  GLN A N   1 
ATOM 673 C CA  . GLN A 1 89  ? 1.937   3.028   7.228   1.00 18.55 ? 89  GLN A CA  1 
ATOM 674 C C   . GLN A 1 89  ? 3.252   2.534   7.846   1.00 15.55 ? 89  GLN A C   1 
ATOM 675 O O   . GLN A 1 89  ? 3.507   1.342   7.852   1.00 19.92 ? 89  GLN A O   1 
ATOM 676 C CB  . GLN A 1 89  ? 0.769   2.559   8.130   1.00 17.25 ? 89  GLN A CB  1 
ATOM 677 C CG  . GLN A 1 89  ? 0.904   3.010   9.577   1.00 19.22 ? 89  GLN A CG  1 
ATOM 678 C CD  . GLN A 1 89  ? 0.064   2.121   10.514  1.00 27.70 ? 89  GLN A CD  1 
ATOM 679 O OE1 . GLN A 1 89  ? 0.040   0.898   10.434  1.00 39.04 ? 89  GLN A OE1 1 
ATOM 680 N NE2 . GLN A 1 89  ? -0.512  2.770   11.508  1.00 31.70 ? 89  GLN A NE2 1 
ATOM 681 N N   . GLN A 1 90  ? 3.991   3.437   8.493   1.00 20.89 ? 90  GLN A N   1 
ATOM 682 C CA  . GLN A 1 90  ? 5.163   2.948   9.222   1.00 20.29 ? 90  GLN A CA  1 
ATOM 683 C C   . GLN A 1 90  ? 4.773   2.712   10.677  1.00 20.01 ? 90  GLN A C   1 
ATOM 684 O O   . GLN A 1 90  ? 4.040   3.507   11.273  1.00 20.65 ? 90  GLN A O   1 
ATOM 685 C CB  . GLN A 1 90  ? 6.327   3.932   9.154   1.00 22.54 ? 90  GLN A CB  1 
ATOM 686 C CG  . GLN A 1 90  ? 6.136   5.304   9.780   1.00 24.12 ? 90  GLN A CG  1 
ATOM 687 C CD  . GLN A 1 90  ? 6.450   5.331   11.259  1.00 20.50 ? 90  GLN A CD  1 
ATOM 688 O OE1 . GLN A 1 90  ? 7.014   4.399   11.831  1.00 24.74 ? 90  GLN A OE1 1 
ATOM 689 N NE2 . GLN A 1 90  ? 6.062   6.413   11.908  1.00 21.80 ? 90  GLN A NE2 1 
ATOM 690 N N   . TYR A 1 91  ? 5.326   1.673   11.267  1.00 20.54 ? 91  TYR A N   1 
ATOM 691 C CA  . TYR A 1 91  ? 5.075   1.423   12.688  1.00 23.60 ? 91  TYR A CA  1 
ATOM 692 C C   . TYR A 1 91  ? 6.369   1.168   13.445  1.00 28.82 ? 91  TYR A C   1 
ATOM 693 O O   . TYR A 1 91  ? 6.422   0.511   14.479  1.00 26.92 ? 91  TYR A O   1 
ATOM 694 C CB  . TYR A 1 91  ? 4.093   0.272   12.886  1.00 24.86 ? 91  TYR A CB  1 
ATOM 695 C CG  . TYR A 1 91  ? 4.473   -1.007  12.194  1.00 22.99 ? 91  TYR A CG  1 
ATOM 696 C CD1 . TYR A 1 91  ? 4.047   -1.243  10.900  1.00 22.63 ? 91  TYR A CD1 1 
ATOM 697 C CD2 . TYR A 1 91  ? 5.225   -1.997  12.816  1.00 24.81 ? 91  TYR A CD2 1 
ATOM 698 C CE1 . TYR A 1 91  ? 4.364   -2.414  10.241  1.00 24.82 ? 91  TYR A CE1 1 
ATOM 699 C CE2 . TYR A 1 91  ? 5.569   -3.156  12.158  1.00 26.38 ? 91  TYR A CE2 1 
ATOM 700 C CZ  . TYR A 1 91  ? 5.144   -3.374  10.865  1.00 24.81 ? 91  TYR A CZ  1 
ATOM 701 O OH  . TYR A 1 91  ? 5.462   -4.529  10.177  1.00 26.54 ? 91  TYR A OH  1 
ATOM 702 N N   . GLN A 1 92  ? 7.437   1.807   12.989  1.00 32.50 ? 92  GLN A N   1 
ATOM 703 C CA  . GLN A 1 92  ? 8.705   1.769   13.709  1.00 33.01 ? 92  GLN A CA  1 
ATOM 704 C C   . GLN A 1 92  ? 8.739   2.738   14.886  1.00 30.49 ? 92  GLN A C   1 
ATOM 705 O O   . GLN A 1 92  ? 9.280   2.489   15.965  1.00 33.51 ? 92  GLN A O   1 
ATOM 706 C CB  . GLN A 1 92  ? 9.842   2.238   12.779  1.00 36.66 ? 92  GLN A CB  1 
ATOM 707 C CG  . GLN A 1 92  ? 11.037  2.649   13.666  1.00 42.12 ? 92  GLN A CG  1 
ATOM 708 C CD  . GLN A 1 92  ? 12.306  2.348   12.900  1.00 41.87 ? 92  GLN A CD  1 
ATOM 709 O OE1 . GLN A 1 92  ? 12.736  3.208   12.135  1.00 45.34 ? 92  GLN A OE1 1 
ATOM 710 N NE2 . GLN A 1 92  ? 12.769  1.122   13.055  1.00 54.39 ? 92  GLN A NE2 1 
ATOM 711 N N   . SER A 1 93  ? 8.179   3.924   14.675  1.00 25.84 ? 93  SER A N   1 
ATOM 712 C CA  . SER A 1 93  ? 8.186   4.942   15.699  1.00 28.52 ? 93  SER A CA  1 
ATOM 713 C C   . SER A 1 93  ? 6.917   5.760   15.826  1.00 28.23 ? 93  SER A C   1 
ATOM 714 O O   . SER A 1 93  ? 6.367   6.271   14.858  1.00 27.53 ? 93  SER A O   1 
ATOM 715 C CB  . SER A 1 93  ? 9.328   5.954   15.403  1.00 36.03 ? 93  SER A CB  1 
ATOM 716 O OG  . SER A 1 93  ? 9.217   7.006   16.357  1.00 44.96 ? 93  SER A OG  1 
ATOM 717 N N   . LEU A 1 94  ? 6.475   5.969   17.064  1.00 26.10 ? 94  LEU A N   1 
ATOM 718 C CA  . LEU A 1 94  ? 5.287   6.772   17.299  1.00 24.87 ? 94  LEU A CA  1 
ATOM 719 C C   . LEU A 1 94  ? 5.498   8.239   16.978  1.00 30.76 ? 94  LEU A C   1 
ATOM 720 O O   . LEU A 1 94  ? 6.568   8.781   17.266  1.00 34.33 ? 94  LEU A O   1 
ATOM 721 C CB  . LEU A 1 94  ? 4.853   6.611   18.763  1.00 29.79 ? 94  LEU A CB  1 
ATOM 722 C CG  . LEU A 1 94  ? 4.401   5.181   19.137  1.00 32.44 ? 94  LEU A CG  1 
ATOM 723 C CD1 . LEU A 1 94  ? 4.201   5.163   20.653  1.00 34.27 ? 94  LEU A CD1 1 
ATOM 724 C CD2 . LEU A 1 94  ? 3.094   4.859   18.413  1.00 30.23 ? 94  LEU A CD2 1 
ATOM 725 N N   . PRO A 1 95  ? 4.510   8.935   16.429  1.00 30.61 ? 95  PRO A N   1 
ATOM 726 C CA  . PRO A 1 95  ? 3.218   8.366   16.054  1.00 26.99 ? 95  PRO A CA  1 
ATOM 727 C C   . PRO A 1 95  ? 3.350   7.611   14.741  1.00 27.14 ? 95  PRO A C   1 
ATOM 728 O O   . PRO A 1 95  ? 4.077   8.016   13.847  1.00 26.61 ? 95  PRO A O   1 
ATOM 729 C CB  . PRO A 1 95  ? 2.364   9.604   15.785  1.00 28.84 ? 95  PRO A CB  1 
ATOM 730 C CG  . PRO A 1 95  ? 3.401   10.478  15.118  1.00 36.01 ? 95  PRO A CG  1 
ATOM 731 C CD  . PRO A 1 95  ? 4.595   10.363  16.043  1.00 34.80 ? 95  PRO A CD  1 
ATOM 732 N N   . TYR A 1 96  ? 2.656   6.487   14.658  1.00 22.71 ? 96  TYR A N   1 
ATOM 733 C CA  . TYR A 1 96  ? 2.675   5.647   13.458  1.00 22.35 ? 96  TYR A CA  1 
ATOM 734 C C   . TYR A 1 96  ? 1.897   6.395   12.382  1.00 26.92 ? 96  TYR A C   1 
ATOM 735 O O   . TYR A 1 96  ? 0.767   6.852   12.563  1.00 29.82 ? 96  TYR A O   1 
ATOM 736 C CB  . TYR A 1 96  ? 2.031   4.309   13.812  1.00 21.58 ? 96  TYR A CB  1 
ATOM 737 C CG  . TYR A 1 96  ? 2.832   3.532   14.842  1.00 27.37 ? 96  TYR A CG  1 
ATOM 738 C CD1 . TYR A 1 96  ? 4.184   3.755   15.084  1.00 25.87 ? 96  TYR A CD1 1 
ATOM 739 C CD2 . TYR A 1 96  ? 2.182   2.543   15.572  1.00 31.62 ? 96  TYR A CD2 1 
ATOM 740 C CE1 . TYR A 1 96  ? 4.882   3.026   16.032  1.00 28.00 ? 96  TYR A CE1 1 
ATOM 741 C CE2 . TYR A 1 96  ? 2.873   1.806   16.509  1.00 33.42 ? 96  TYR A CE2 1 
ATOM 742 C CZ  . TYR A 1 96  ? 4.208   2.055   16.740  1.00 33.20 ? 96  TYR A CZ  1 
ATOM 743 O OH  . TYR A 1 96  ? 4.851   1.279   17.681  1.00 38.28 ? 96  TYR A OH  1 
ATOM 744 N N   . THR A 1 97  ? 2.619   6.669   11.311  1.00 20.99 ? 97  THR A N   1 
ATOM 745 C CA  . THR A 1 97  ? 2.115   7.566   10.288  1.00 20.05 ? 97  THR A CA  1 
ATOM 746 C C   . THR A 1 97  ? 1.827   6.841   8.979   1.00 20.45 ? 97  THR A C   1 
ATOM 747 O O   . THR A 1 97  ? 2.478   5.899   8.521   1.00 18.80 ? 97  THR A O   1 
ATOM 748 C CB  . THR A 1 97  ? 3.093   8.747   10.118  1.00 27.57 ? 97  THR A CB  1 
ATOM 749 O OG1 . THR A 1 97  ? 4.428   8.266   9.976   1.00 24.31 ? 97  THR A OG1 1 
ATOM 750 C CG2 . THR A 1 97  ? 3.136   9.614   11.363  1.00 28.39 ? 97  THR A CG2 1 
ATOM 751 N N   . PHE A 1 98  ? 0.740   7.328   8.370   1.00 21.98 ? 98  PHE A N   1 
ATOM 752 C CA  . PHE A 1 98  ? 0.265   6.833   7.093   1.00 19.72 ? 98  PHE A CA  1 
ATOM 753 C C   . PHE A 1 98  ? 0.754   7.722   5.952   1.00 16.13 ? 98  PHE A C   1 
ATOM 754 O O   . PHE A 1 98  ? 0.860   8.933   6.140   1.00 19.26 ? 98  PHE A O   1 
ATOM 755 C CB  . PHE A 1 98  ? -1.278  6.868   7.054   1.00 18.01 ? 98  PHE A CB  1 
ATOM 756 C CG  . PHE A 1 98  ? -1.937  5.667   7.684   1.00 16.25 ? 98  PHE A CG  1 
ATOM 757 C CD1 . PHE A 1 98  ? -2.168  5.640   9.044   1.00 21.98 ? 98  PHE A CD1 1 
ATOM 758 C CD2 . PHE A 1 98  ? -2.319  4.576   6.930   1.00 21.56 ? 98  PHE A CD2 1 
ATOM 759 C CE1 . PHE A 1 98  ? -2.795  4.538   9.589   1.00 21.57 ? 98  PHE A CE1 1 
ATOM 760 C CE2 . PHE A 1 98  ? -2.952  3.472   7.464   1.00 24.38 ? 98  PHE A CE2 1 
ATOM 761 C CZ  . PHE A 1 98  ? -3.197  3.467   8.831   1.00 19.66 ? 98  PHE A CZ  1 
ATOM 762 N N   . GLY A 1 99  ? 0.913   7.138   4.774   1.00 16.97 ? 99  GLY A N   1 
ATOM 763 C CA  . GLY A 1 99  ? 1.103   7.929   3.562   1.00 19.84 ? 99  GLY A CA  1 
ATOM 764 C C   . GLY A 1 99  ? -0.240  8.582   3.219   1.00 20.35 ? 99  GLY A C   1 
ATOM 765 O O   . GLY A 1 99  ? -1.245  8.289   3.870   1.00 18.09 ? 99  GLY A O   1 
ATOM 766 N N   . GLN A 1 100 ? -0.279  9.470   2.245   1.00 20.59 ? 100 GLN A N   1 
ATOM 767 C CA  . GLN A 1 100 ? -1.432  10.250  1.868   1.00 23.83 ? 100 GLN A CA  1 
ATOM 768 C C   . GLN A 1 100 ? -2.501  9.436   1.145   1.00 21.45 ? 100 GLN A C   1 
ATOM 769 O O   . GLN A 1 100 ? -3.626  9.896   1.022   1.00 22.41 ? 100 GLN A O   1 
ATOM 770 C CB  . GLN A 1 100 ? -0.974  11.400  0.962   1.00 31.83 ? 100 GLN A CB  1 
ATOM 771 C CG  . GLN A 1 100 ? 0.185   12.195  1.555   1.00 46.70 ? 100 GLN A CG  1 
ATOM 772 C CD  . GLN A 1 100 ? 1.494   11.876  0.834   1.00 53.63 ? 100 GLN A CD  1 
ATOM 773 O OE1 . GLN A 1 100 ? 1.949   10.729  0.828   1.00 35.93 ? 100 GLN A OE1 1 
ATOM 774 N NE2 . GLN A 1 100 ? 2.039   12.916  0.202   1.00 57.37 ? 100 GLN A NE2 1 
ATOM 775 N N   . GLY A 1 101 ? -2.123  8.235   0.735   1.00 20.04 ? 101 GLY A N   1 
ATOM 776 C CA  . GLY A 1 101 ? -3.051  7.356   0.091   1.00 20.74 ? 101 GLY A CA  1 
ATOM 777 C C   . GLY A 1 101 ? -2.903  7.390   -1.419  1.00 23.43 ? 101 GLY A C   1 
ATOM 778 O O   . GLY A 1 101 ? -2.483  8.393   -1.984  1.00 22.90 ? 101 GLY A O   1 
ATOM 779 N N   . THR A 1 102 ? -3.339  6.306   -2.030  1.00 21.30 ? 102 THR A N   1 
ATOM 780 C CA  . THR A 1 102 ? -3.407  6.212   -3.477  1.00 21.06 ? 102 THR A CA  1 
ATOM 781 C C   . THR A 1 102 ? -4.786  5.712   -3.876  1.00 19.85 ? 102 THR A C   1 
ATOM 782 O O   . THR A 1 102 ? -5.126  4.579   -3.532  1.00 24.87 ? 102 THR A O   1 
ATOM 783 C CB  . THR A 1 102 ? -2.386  5.230   -4.065  1.00 22.07 ? 102 THR A CB  1 
ATOM 784 O OG1 . THR A 1 102 ? -1.061  5.674   -3.864  1.00 21.59 ? 102 THR A OG1 1 
ATOM 785 C CG2 . THR A 1 102 ? -2.627  5.119   -5.580  1.00 23.70 ? 102 THR A CG2 1 
ATOM 786 N N   . LYS A 1 103 ? -5.561  6.566   -4.542  1.00 19.18 ? 103 LYS A N   1 
ATOM 787 C CA  . LYS A 1 103 ? -6.882  6.195   -4.966  1.00 20.69 ? 103 LYS A CA  1 
ATOM 788 C C   . LYS A 1 103 ? -6.831  5.494   -6.326  1.00 24.89 ? 103 LYS A C   1 
ATOM 789 O O   . LYS A 1 103 ? -6.492  6.119   -7.326  1.00 21.22 ? 103 LYS A O   1 
ATOM 790 C CB  . LYS A 1 103 ? -7.745  7.460   -5.065  1.00 27.15 ? 103 LYS A CB  1 
ATOM 791 C CG  . LYS A 1 103 ? -9.201  7.084   -5.326  1.00 33.58 ? 103 LYS A CG  1 
ATOM 792 C CD  . LYS A 1 103 ? -10.086 8.294   -5.095  1.00 39.96 ? 103 LYS A CD  1 
ATOM 793 C CE  . LYS A 1 103 ? -11.558 7.915   -5.122  1.00 47.54 ? 103 LYS A CE  1 
ATOM 794 N NZ  . LYS A 1 103 ? -12.412 9.066   -5.554  1.00 64.33 ? 103 LYS A NZ  1 
ATOM 795 N N   . LEU A 1 104 ? -7.126  4.211   -6.361  1.00 25.03 ? 104 LEU A N   1 
ATOM 796 C CA  . LEU A 1 104 ? -7.085  3.435   -7.614  1.00 23.86 ? 104 LEU A CA  1 
ATOM 797 C C   . LEU A 1 104 ? -8.500  3.297   -8.166  1.00 24.32 ? 104 LEU A C   1 
ATOM 798 O O   . LEU A 1 104 ? -9.376  2.779   -7.473  1.00 22.46 ? 104 LEU A O   1 
ATOM 799 C CB  . LEU A 1 104 ? -6.532  2.044   -7.335  1.00 22.87 ? 104 LEU A CB  1 
ATOM 800 C CG  . LEU A 1 104 ? -6.593  1.003   -8.471  1.00 24.49 ? 104 LEU A CG  1 
ATOM 801 C CD1 . LEU A 1 104 ? -5.758  1.551   -9.633  1.00 32.53 ? 104 LEU A CD1 1 
ATOM 802 C CD2 . LEU A 1 104 ? -5.937  -0.278  -7.954  1.00 27.80 ? 104 LEU A CD2 1 
ATOM 803 N N   . GLU A 1 105 ? -8.634  3.806   -9.376  1.00 23.55 ? 105 GLU A N   1 
ATOM 804 C CA  . GLU A 1 105 ? -9.859  3.914   -10.117 1.00 29.34 ? 105 GLU A CA  1 
ATOM 805 C C   . GLU A 1 105 ? -9.797  3.082   -11.392 1.00 32.80 ? 105 GLU A C   1 
ATOM 806 O O   . GLU A 1 105 ? -8.714  2.812   -11.906 1.00 27.48 ? 105 GLU A O   1 
ATOM 807 C CB  . GLU A 1 105 ? -10.104 5.378   -10.508 1.00 37.09 ? 105 GLU A CB  1 
ATOM 808 C CG  . GLU A 1 105 ? -11.143 6.028   -9.612  1.00 49.80 ? 105 GLU A CG  1 
ATOM 809 C CD  . GLU A 1 105 ? -10.930 7.517   -9.448  1.00 54.38 ? 105 GLU A CD  1 
ATOM 810 O OE1 . GLU A 1 105 ? -10.774 8.205   -10.475 1.00 66.64 ? 105 GLU A OE1 1 
ATOM 811 O OE2 . GLU A 1 105 ? -10.927 7.979   -8.293  1.00 66.07 ? 105 GLU A OE2 1 
ATOM 812 N N   . ILE A 1 106 ? -10.992 2.700   -11.844 1.00 33.28 ? 106 ILE A N   1 
ATOM 813 C CA  . ILE A 1 106 ? -10.997 1.912   -13.085 1.00 33.92 ? 106 ILE A CA  1 
ATOM 814 C C   . ILE A 1 106 ? -11.031 2.847   -14.282 1.00 30.15 ? 106 ILE A C   1 
ATOM 815 O O   . ILE A 1 106 ? -11.701 3.875   -14.285 1.00 33.15 ? 106 ILE A O   1 
ATOM 816 C CB  . ILE A 1 106 ? -12.204 0.956   -13.118 1.00 41.68 ? 106 ILE A CB  1 
ATOM 817 C CG1 . ILE A 1 106 ? -12.018 -0.212  -14.091 1.00 45.50 ? 106 ILE A CG1 1 
ATOM 818 C CG2 . ILE A 1 106 ? -13.445 1.789   -13.406 1.00 41.45 ? 106 ILE A CG2 1 
ATOM 819 C CD1 . ILE A 1 106 ? -13.207 -1.122  -14.251 1.00 48.37 ? 106 ILE A CD1 1 
ATOM 820 N N   . THR A 1 107 ? -10.271 2.509   -15.309 1.00 30.13 ? 107 THR A N   1 
ATOM 821 C CA  . THR A 1 107 ? -10.171 3.257   -16.557 1.00 32.62 ? 107 THR A CA  1 
ATOM 822 C C   . THR A 1 107 ? -11.530 3.231   -17.259 1.00 37.17 ? 107 THR A C   1 
ATOM 823 O O   . THR A 1 107 ? -12.144 2.145   -17.277 1.00 39.89 ? 107 THR A O   1 
ATOM 824 C CB  . THR A 1 107 ? -9.109  2.647   -17.488 1.00 31.93 ? 107 THR A CB  1 
ATOM 825 O OG1 . THR A 1 107 ? -7.821  2.682   -16.867 1.00 29.90 ? 107 THR A OG1 1 
ATOM 826 C CG2 . THR A 1 107 ? -8.972  3.448   -18.773 1.00 44.53 ? 107 THR A CG2 1 
ATOM 827 O OXT . THR A 1 107 ? -11.986 4.288   -17.738 1.00 40.44 ? 107 THR A OXT 1 
# 
